data_5YEW
#
_entry.id   5YEW
#
_cell.length_a   207.942
_cell.length_b   207.942
_cell.length_c   107.893
_cell.angle_alpha   90.00
_cell.angle_beta   90.00
_cell.angle_gamma   120.00
#
_symmetry.space_group_name_H-M   'P 32 2 1'
#
loop_
_entity.id
_entity.type
_entity.pdbx_description
1 polymer 'Mitofusin-1,Mitofusin-1 fusion protein'
2 polymer 'Mitofusin-1,Mitofusin-1 fusion protein'
3 non-polymer "GUANOSINE-5'-DIPHOSPHATE"
4 non-polymer 'BERYLLIUM TRIFLUORIDE ION'
5 non-polymer 'POTASSIUM ION'
6 non-polymer 'MAGNESIUM ION'
#
loop_
_entity_poly.entity_id
_entity_poly.type
_entity_poly.pdbx_seq_one_letter_code
_entity_poly.pdbx_strand_id
1 'polypeptide(L)'
;MAEPVSPLKHFVLAKKAITAIFDQLLEFVTEGSHFVEATYKNPELDRIATEDDLVEMQGYKDKLSIIGEVLSRRHMKVAF
FGRTSSGKSSVINAMLWDKVLPSGIGHITNCFLSVEGTDGDKAYLMTEGSDEKKSVKVNNQLAHALHMDKDLKAGCLVRV
FWPKAKCALLRDDLVLVDSPGTDVTTELDSWIDKFCLDADVFVLVANSESTLMNTEKHFFHKVNERLSKPNIFILNNRWD
ASASEPEYMEDVRRQHMERCLHFLVEELKVVNALEAQNRIFFVSAKEVLSARKQKAQGMPESGVALAEGFHARLQEFQNF
EQIFEECISQSAVKTKFEQHTIRAKQILATVKNIMDSVNLAAEDGSGSGSGGSEIARLPKEIDQLEKIQNNSKLLRNKAV
QLENELENFTKQFLPSSNEES
;
A
2 'polypeptide(L)'
;MAEPVSPLKHFVLAKKAITAIFDQLLEFVTEGSHFVEATYKNPELDRIATEDDLVEMQGYKDKLSIIGEVLSRRHMKVAF
FGRTSSGKSSVINAMLWDKVLPSGIGHITNCFLSVEGTDGDKAYLMTEGSDEKKSVKTVNQLAHALHMDKDLKAGCLVRV
FWPKAKCALLRDDLVLVDSPGTDVTTELDSWIDKFCLDADVFVLVANSESTLMNTEKHFFHKVNERLSKPNIFILNNRWD
ASASEPEYMEDVRRQHMERCLHFLVEELKVVNALEAQNRIFFVSAKEVLSARKQKAQGMPESGVALAEGFHARLQEFQNF
EQIFEECISQSAVKTKFEQHTIRAKQILATVKNIMDSVNLAAEDGSGSGSGGSEIARLPKEIDQLEKIQNNSKLLRNKAV
QLENELENFTKQFLPSSNEES
;
B,C
#
# COMPACT_ATOMS: atom_id res chain seq x y z
N VAL A 5 37.00 -27.04 27.20
CA VAL A 5 36.24 -27.33 25.94
C VAL A 5 34.81 -27.80 26.30
N SER A 6 33.74 -27.02 26.08
CA SER A 6 33.64 -25.69 25.42
C SER A 6 32.14 -25.26 25.46
N PRO A 7 31.82 -23.99 25.11
CA PRO A 7 30.41 -23.60 25.00
C PRO A 7 29.65 -24.34 23.88
N LEU A 8 30.27 -24.41 22.70
CA LEU A 8 29.66 -25.06 21.53
C LEU A 8 29.38 -26.54 21.78
N LYS A 9 30.35 -27.25 22.38
CA LYS A 9 30.19 -28.70 22.62
C LYS A 9 29.12 -28.95 23.69
N HIS A 10 29.08 -28.12 24.73
CA HIS A 10 28.02 -28.18 25.74
C HIS A 10 26.63 -28.09 25.09
N PHE A 11 26.49 -27.18 24.12
CA PHE A 11 25.24 -27.04 23.35
C PHE A 11 24.90 -28.28 22.53
N VAL A 12 25.88 -28.81 21.79
CA VAL A 12 25.62 -29.95 20.89
C VAL A 12 25.30 -31.22 21.68
N LEU A 13 25.97 -31.41 22.82
CA LEU A 13 25.61 -32.47 23.76
C LEU A 13 24.17 -32.33 24.22
N ALA A 14 23.82 -31.13 24.69
CA ALA A 14 22.45 -30.82 25.12
C ALA A 14 21.43 -31.12 24.03
N LYS A 15 21.71 -30.69 22.81
CA LYS A 15 20.79 -30.90 21.68
C LYS A 15 20.56 -32.38 21.42
N LYS A 16 21.64 -33.16 21.34
CA LYS A 16 21.54 -34.61 21.11
C LYS A 16 20.76 -35.30 22.22
N ALA A 17 21.01 -34.88 23.47
CA ALA A 17 20.29 -35.40 24.63
C ALA A 17 18.79 -35.14 24.53
N ILE A 18 18.41 -33.87 24.50
CA ILE A 18 16.99 -33.47 24.50
C ILE A 18 16.22 -33.95 23.26
N THR A 19 16.86 -33.94 22.09
CA THR A 19 16.20 -34.41 20.87
C THR A 19 15.90 -35.90 20.98
N ALA A 20 16.85 -36.65 21.54
CA ALA A 20 16.69 -38.09 21.79
C ALA A 20 15.57 -38.39 22.80
N ILE A 21 15.47 -37.56 23.83
CA ILE A 21 14.38 -37.68 24.82
C ILE A 21 13.04 -37.43 24.13
N PHE A 22 12.96 -36.36 23.34
CA PHE A 22 11.73 -36.00 22.63
C PHE A 22 11.30 -37.03 21.60
N ASP A 23 12.24 -37.76 21.01
CA ASP A 23 11.90 -38.88 20.14
C ASP A 23 11.12 -39.91 20.93
N GLN A 24 11.66 -40.30 22.08
CA GLN A 24 11.00 -41.24 23.01
C GLN A 24 9.63 -40.73 23.44
N LEU A 25 9.57 -39.43 23.77
CA LEU A 25 8.33 -38.77 24.17
C LEU A 25 7.26 -38.88 23.09
N LEU A 26 7.63 -38.52 21.87
CA LEU A 26 6.69 -38.46 20.75
C LEU A 26 6.11 -39.84 20.44
N GLU A 27 6.96 -40.89 20.44
CA GLU A 27 6.43 -42.25 20.24
C GLU A 27 5.55 -42.69 21.41
N PHE A 28 5.90 -42.31 22.64
CA PHE A 28 5.07 -42.62 23.81
C PHE A 28 3.66 -42.05 23.69
N VAL A 29 3.57 -40.77 23.33
CA VAL A 29 2.27 -40.07 23.26
C VAL A 29 1.44 -40.54 22.07
N THR A 30 2.09 -40.86 20.95
CA THR A 30 1.42 -41.46 19.79
C THR A 30 0.79 -42.82 20.17
N GLU A 31 1.52 -43.62 20.95
CA GLU A 31 1.05 -44.94 21.40
C GLU A 31 -0.12 -44.79 22.37
N GLY A 32 0.04 -43.92 23.38
CA GLY A 32 -1.02 -43.60 24.32
C GLY A 32 -2.26 -43.02 23.67
N SER A 33 -2.05 -42.17 22.65
CA SER A 33 -3.16 -41.61 21.86
C SER A 33 -3.96 -42.69 21.14
N HIS A 34 -3.25 -43.66 20.56
CA HIS A 34 -3.88 -44.81 19.92
C HIS A 34 -4.63 -45.70 20.91
N PHE A 35 -4.04 -45.90 22.09
CA PHE A 35 -4.67 -46.68 23.17
C PHE A 35 -5.99 -46.04 23.62
N VAL A 36 -5.92 -44.75 23.95
CA VAL A 36 -7.08 -43.98 24.41
C VAL A 36 -8.17 -43.93 23.33
N GLU A 37 -7.77 -43.71 22.08
CA GLU A 37 -8.69 -43.73 20.93
C GLU A 37 -9.43 -45.07 20.85
N ALA A 38 -8.67 -46.16 20.89
CA ALA A 38 -9.23 -47.50 20.82
C ALA A 38 -10.22 -47.77 21.95
N THR A 39 -9.86 -47.35 23.17
CA THR A 39 -10.71 -47.56 24.35
C THR A 39 -12.01 -46.77 24.26
N TYR A 40 -11.90 -45.49 23.87
CA TYR A 40 -13.06 -44.60 23.68
C TYR A 40 -14.02 -45.11 22.62
N LYS A 41 -13.48 -45.42 21.44
CA LYS A 41 -14.32 -45.85 20.30
C LYS A 41 -14.94 -47.24 20.42
N ASN A 42 -14.40 -48.11 21.28
CA ASN A 42 -14.92 -49.47 21.45
C ASN A 42 -16.37 -49.45 22.00
N PRO A 43 -17.34 -49.92 21.19
CA PRO A 43 -18.75 -49.90 21.63
C PRO A 43 -19.07 -50.83 22.81
N GLU A 44 -18.23 -51.84 23.06
CA GLU A 44 -18.42 -52.75 24.18
C GLU A 44 -18.16 -52.12 25.55
N LEU A 45 -17.39 -51.03 25.60
CA LEU A 45 -16.98 -50.43 26.87
C LEU A 45 -17.89 -49.27 27.38
N ASP A 46 -18.36 -49.43 28.61
CA ASP A 46 -19.10 -48.40 29.36
C ASP A 46 -18.16 -47.23 29.66
N ARG A 47 -18.48 -46.05 29.13
CA ARG A 47 -17.60 -44.87 29.06
C ARG A 47 -16.29 -44.93 29.87
N ILE A 48 -15.31 -45.67 29.35
CA ILE A 48 -14.03 -45.91 30.06
C ILE A 48 -13.08 -44.73 29.88
N ALA A 49 -12.85 -44.37 28.62
CA ALA A 49 -12.10 -43.17 28.25
C ALA A 49 -13.06 -42.19 27.59
N THR A 50 -12.84 -40.90 27.80
CA THR A 50 -13.77 -39.86 27.33
C THR A 50 -13.27 -39.24 26.02
N GLU A 51 -14.16 -38.53 25.33
CA GLU A 51 -13.81 -37.79 24.11
C GLU A 51 -12.74 -36.73 24.40
N ASP A 52 -12.92 -36.01 25.51
CA ASP A 52 -11.96 -35.01 25.98
C ASP A 52 -10.56 -35.59 26.19
N ASP A 53 -10.48 -36.80 26.74
CA ASP A 53 -9.21 -37.52 26.87
C ASP A 53 -8.57 -37.70 25.49
N LEU A 54 -9.36 -38.19 24.54
CA LEU A 54 -8.88 -38.42 23.17
C LEU A 54 -8.39 -37.15 22.48
N VAL A 55 -9.18 -36.08 22.58
CA VAL A 55 -8.82 -34.80 21.95
C VAL A 55 -7.53 -34.25 22.56
N GLU A 56 -7.42 -34.31 23.89
CA GLU A 56 -6.22 -33.85 24.60
C GLU A 56 -4.97 -34.61 24.16
N MET A 57 -5.07 -35.94 24.09
CA MET A 57 -3.93 -36.78 23.69
C MET A 57 -3.53 -36.55 22.23
N GLN A 58 -4.51 -36.39 21.34
CA GLN A 58 -4.25 -36.05 19.94
C GLN A 58 -3.56 -34.69 19.81
N GLY A 59 -4.09 -33.70 20.55
CA GLY A 59 -3.44 -32.39 20.64
C GLY A 59 -2.00 -32.45 21.11
N TYR A 60 -1.73 -33.31 22.09
CA TYR A 60 -0.37 -33.50 22.61
C TYR A 60 0.58 -34.12 21.61
N LYS A 61 0.11 -35.11 20.84
CA LYS A 61 0.87 -35.69 19.74
C LYS A 61 1.31 -34.60 18.76
N ASP A 62 0.36 -33.77 18.33
CA ASP A 62 0.63 -32.67 17.38
C ASP A 62 1.64 -31.71 17.99
N LYS A 63 1.31 -31.19 19.16
CA LYS A 63 2.20 -30.28 19.92
C LYS A 63 3.65 -30.76 19.93
N LEU A 64 3.81 -32.02 20.28
CA LEU A 64 5.13 -32.63 20.44
C LEU A 64 5.89 -32.80 19.13
N SER A 65 5.20 -33.14 18.04
CA SER A 65 5.83 -33.18 16.72
C SER A 65 6.39 -31.81 16.34
N ILE A 66 5.59 -30.76 16.48
CA ILE A 66 6.05 -29.41 16.15
C ILE A 66 7.21 -28.99 17.05
N ILE A 67 7.12 -29.27 18.36
CA ILE A 67 8.21 -28.95 19.28
C ILE A 67 9.47 -29.76 18.94
N GLY A 68 9.29 -31.03 18.59
CA GLY A 68 10.38 -31.87 18.08
C GLY A 68 11.13 -31.18 16.96
N GLU A 69 10.41 -30.72 15.94
CA GLU A 69 10.99 -29.97 14.83
C GLU A 69 11.76 -28.76 15.31
N VAL A 70 11.15 -27.96 16.20
CA VAL A 70 11.79 -26.75 16.73
C VAL A 70 13.14 -27.07 17.40
N LEU A 71 13.17 -28.17 18.17
CA LEU A 71 14.40 -28.59 18.87
C LEU A 71 15.51 -28.96 17.90
N SER A 72 15.14 -29.77 16.90
CA SER A 72 16.08 -30.31 15.91
C SER A 72 16.56 -29.33 14.84
N ARG A 73 15.79 -28.27 14.56
CA ARG A 73 16.19 -27.22 13.61
C ARG A 73 17.62 -26.78 13.85
N ARG A 74 18.38 -26.59 12.77
CA ARG A 74 19.76 -26.11 12.83
C ARG A 74 19.92 -24.68 13.33
N HIS A 75 18.85 -23.86 13.33
CA HIS A 75 18.98 -22.45 13.54
C HIS A 75 18.09 -21.92 14.66
N MET A 76 18.54 -20.81 15.22
CA MET A 76 17.79 -20.08 16.22
C MET A 76 16.98 -19.04 15.46
N LYS A 77 15.65 -19.13 15.55
CA LYS A 77 14.76 -18.19 14.87
C LYS A 77 14.29 -17.11 15.83
N VAL A 78 14.44 -15.85 15.42
CA VAL A 78 13.93 -14.70 16.17
C VAL A 78 12.91 -13.97 15.31
N ALA A 79 11.66 -13.98 15.76
CA ALA A 79 10.56 -13.30 15.08
C ALA A 79 10.34 -11.90 15.67
N PHE A 80 10.20 -10.92 14.78
CA PHE A 80 9.82 -9.56 15.16
C PHE A 80 8.33 -9.42 14.95
N PHE A 81 7.63 -8.94 15.97
CA PHE A 81 6.18 -8.90 15.98
C PHE A 81 5.72 -7.57 16.54
N GLY A 82 4.59 -7.11 16.02
CA GLY A 82 4.02 -5.85 16.46
C GLY A 82 2.95 -5.33 15.54
N ARG A 83 2.36 -4.22 15.95
CA ARG A 83 1.36 -3.53 15.17
C ARG A 83 2.01 -2.90 13.93
N THR A 84 1.17 -2.41 13.03
CA THR A 84 1.65 -1.75 11.83
C THR A 84 2.30 -0.41 12.22
N SER A 85 3.60 -0.28 11.95
CA SER A 85 4.39 0.97 12.14
C SER A 85 4.91 1.26 13.54
N SER A 86 4.89 0.25 14.42
CA SER A 86 5.58 0.34 15.70
C SER A 86 7.09 0.49 15.46
N GLY A 87 7.61 -0.20 14.45
CA GLY A 87 9.03 -0.07 14.07
C GLY A 87 9.82 -1.36 13.80
N LYS A 88 9.14 -2.44 13.41
CA LYS A 88 9.79 -3.76 13.31
C LYS A 88 10.94 -3.75 12.31
N SER A 89 10.62 -3.42 11.05
CA SER A 89 11.62 -3.33 9.98
C SER A 89 12.76 -2.40 10.38
N SER A 90 12.41 -1.25 10.96
CA SER A 90 13.40 -0.23 11.34
C SER A 90 14.32 -0.65 12.48
N VAL A 91 13.82 -1.47 13.41
CA VAL A 91 14.64 -2.05 14.47
C VAL A 91 15.73 -2.94 13.86
N ILE A 92 15.34 -3.80 12.93
CA ILE A 92 16.27 -4.69 12.24
C ILE A 92 17.29 -3.88 11.43
N ASN A 93 16.80 -2.88 10.70
CA ASN A 93 17.66 -1.95 9.95
C ASN A 93 18.69 -1.27 10.84
N ALA A 94 18.32 -0.98 12.08
CA ALA A 94 19.26 -0.42 13.07
C ALA A 94 20.31 -1.43 13.53
N MET A 95 19.88 -2.68 13.75
CA MET A 95 20.80 -3.77 14.14
C MET A 95 21.82 -4.06 13.03
N LEU A 96 21.35 -4.01 11.78
CA LEU A 96 22.20 -4.16 10.59
C LEU A 96 23.04 -2.94 10.15
N TRP A 97 22.90 -1.80 10.82
CA TRP A 97 23.63 -0.54 10.50
C TRP A 97 23.25 0.12 9.17
N ASP A 98 22.26 -0.41 8.45
CA ASP A 98 21.86 0.15 7.15
C ASP A 98 20.38 -0.09 6.90
N LYS A 99 19.79 0.80 6.09
CA LYS A 99 18.40 0.67 5.71
C LYS A 99 18.29 -0.40 4.63
N VAL A 100 18.24 -1.67 5.08
CA VAL A 100 18.26 -2.81 4.17
C VAL A 100 16.92 -3.51 4.04
N LEU A 101 15.89 -3.12 4.79
CA LEU A 101 14.55 -3.70 4.69
C LEU A 101 13.52 -2.60 4.47
N PRO A 102 12.41 -2.92 3.77
CA PRO A 102 11.37 -1.93 3.50
C PRO A 102 10.79 -1.33 4.78
N SER A 103 10.84 0.01 4.86
CA SER A 103 10.35 0.75 6.01
C SER A 103 9.71 2.07 5.56
N GLY A 104 8.69 2.50 6.29
CA GLY A 104 7.97 3.73 5.96
C GLY A 104 6.57 3.79 6.53
N ILE A 105 5.94 4.96 6.40
CA ILE A 105 4.55 5.17 6.85
C ILE A 105 3.58 4.31 6.03
N GLY A 106 2.47 3.92 6.66
CA GLY A 106 1.48 3.06 6.02
C GLY A 106 1.86 1.60 6.18
N HIS A 107 1.06 0.70 5.61
CA HIS A 107 1.40 -0.72 5.56
C HIS A 107 2.48 -0.95 4.50
N ILE A 108 3.65 -1.45 4.91
CA ILE A 108 4.83 -1.60 4.03
C ILE A 108 5.21 -3.08 3.90
N THR A 109 5.71 -3.68 4.98
CA THR A 109 6.25 -5.05 4.90
C THR A 109 5.13 -6.05 4.59
N ASN A 110 5.07 -6.50 3.33
CA ASN A 110 3.97 -7.33 2.82
C ASN A 110 4.46 -8.70 2.35
N CYS A 111 5.47 -9.22 3.05
CA CYS A 111 6.03 -10.55 2.82
C CYS A 111 6.86 -10.86 4.06
N PHE A 112 7.31 -12.09 4.22
CA PHE A 112 8.17 -12.43 5.35
C PHE A 112 9.63 -12.41 4.89
N LEU A 113 10.51 -11.94 5.77
CA LEU A 113 11.90 -11.73 5.39
C LEU A 113 12.86 -12.36 6.40
N SER A 114 13.50 -13.46 5.99
CA SER A 114 14.62 -14.02 6.74
C SER A 114 15.81 -13.07 6.62
N VAL A 115 16.60 -12.94 7.68
CA VAL A 115 17.88 -12.24 7.61
C VAL A 115 18.92 -13.13 8.28
N GLU A 116 19.92 -13.54 7.50
CA GLU A 116 20.98 -14.44 7.97
C GLU A 116 22.34 -13.84 7.67
N GLY A 117 23.36 -14.37 8.33
CA GLY A 117 24.74 -14.05 8.04
C GLY A 117 25.20 -14.75 6.77
N THR A 118 26.17 -14.15 6.08
CA THR A 118 26.87 -14.83 5.00
C THR A 118 28.37 -14.53 5.11
N ASP A 119 29.18 -15.49 4.67
CA ASP A 119 30.63 -15.34 4.72
C ASP A 119 31.13 -14.38 3.63
N GLY A 120 30.40 -14.29 2.53
CA GLY A 120 30.71 -13.33 1.47
C GLY A 120 30.66 -11.90 1.95
N ASP A 121 31.41 -11.02 1.28
CA ASP A 121 31.49 -9.60 1.66
C ASP A 121 30.39 -8.70 1.07
N LYS A 122 29.51 -9.27 0.24
CA LYS A 122 28.38 -8.54 -0.33
C LYS A 122 27.04 -9.15 0.10
N ALA A 123 26.03 -8.30 0.28
CA ALA A 123 24.68 -8.73 0.64
C ALA A 123 23.92 -9.22 -0.59
N TYR A 124 22.93 -10.08 -0.37
CA TYR A 124 22.07 -10.56 -1.46
C TYR A 124 20.75 -11.13 -0.93
N LEU A 125 19.85 -11.46 -1.86
CA LEU A 125 18.58 -12.11 -1.53
C LEU A 125 18.30 -13.31 -2.40
N MET A 126 17.48 -14.22 -1.89
CA MET A 126 17.06 -15.40 -2.64
C MET A 126 15.57 -15.60 -2.43
N THR A 127 14.88 -16.05 -3.49
CA THR A 127 13.43 -16.20 -3.48
C THR A 127 13.07 -17.67 -3.63
N GLU A 128 11.86 -18.04 -3.17
CA GLU A 128 11.32 -19.40 -3.17
C GLU A 128 11.80 -20.21 -4.38
N GLY A 129 12.54 -21.29 -4.10
CA GLY A 129 13.17 -22.12 -5.13
C GLY A 129 14.08 -21.46 -6.16
N SER A 130 15.00 -20.61 -5.73
CA SER A 130 15.97 -19.98 -6.63
C SER A 130 17.37 -19.98 -6.05
N ASP A 131 18.34 -20.47 -6.85
CA ASP A 131 19.76 -20.41 -6.49
C ASP A 131 20.25 -18.97 -6.60
N GLU A 132 19.68 -18.21 -7.55
CA GLU A 132 20.13 -16.87 -7.91
C GLU A 132 20.30 -15.94 -6.70
N LYS A 133 21.53 -15.50 -6.47
CA LYS A 133 21.81 -14.48 -5.47
C LYS A 133 21.50 -13.12 -6.09
N LYS A 134 20.26 -12.66 -5.90
CA LYS A 134 19.77 -11.40 -6.46
C LYS A 134 20.26 -10.25 -5.61
N SER A 135 20.26 -9.05 -6.20
CA SER A 135 20.75 -7.85 -5.51
C SER A 135 19.84 -7.54 -4.35
N VAL A 136 20.43 -7.16 -3.21
CA VAL A 136 19.63 -6.75 -2.05
C VAL A 136 18.79 -5.51 -2.38
N LYS A 137 19.18 -4.74 -3.38
CA LYS A 137 18.39 -3.59 -3.84
C LYS A 137 17.10 -3.96 -4.58
N VAL A 138 16.88 -5.23 -4.91
CA VAL A 138 15.58 -5.64 -5.46
C VAL A 138 14.46 -5.78 -4.42
N ASN A 139 14.78 -5.76 -3.11
CA ASN A 139 13.77 -6.04 -2.03
C ASN A 139 12.38 -5.50 -2.25
N ASN A 140 12.30 -4.19 -2.52
CA ASN A 140 11.02 -3.49 -2.60
C ASN A 140 10.00 -4.13 -3.54
N GLN A 141 10.47 -4.64 -4.68
CA GLN A 141 9.64 -5.36 -5.65
C GLN A 141 8.88 -6.53 -5.04
N LEU A 142 9.54 -7.20 -4.07
CA LEU A 142 9.04 -8.42 -3.43
C LEU A 142 8.34 -8.19 -2.10
N ALA A 143 8.81 -7.21 -1.32
CA ALA A 143 8.40 -7.06 0.08
C ALA A 143 7.72 -5.73 0.46
N HIS A 144 7.74 -4.72 -0.40
CA HIS A 144 7.21 -3.38 -0.09
C HIS A 144 5.88 -3.19 -0.83
N ALA A 145 4.78 -3.14 -0.07
CA ALA A 145 3.40 -3.05 -0.57
C ALA A 145 2.96 -1.80 -1.29
N LEU A 146 3.71 -0.71 -1.23
CA LEU A 146 3.54 0.32 -2.25
C LEU A 146 4.17 0.04 -3.62
N HIS A 147 5.05 -0.96 -3.72
CA HIS A 147 5.56 -1.43 -5.02
C HIS A 147 4.74 -2.61 -5.58
N MET A 148 4.43 -3.57 -4.71
CA MET A 148 3.80 -4.83 -5.10
C MET A 148 2.37 -4.64 -5.58
N ASP A 149 2.01 -5.34 -6.67
CA ASP A 149 0.65 -5.31 -7.21
C ASP A 149 -0.31 -6.03 -6.27
N LYS A 150 -1.52 -5.50 -6.14
CA LYS A 150 -2.46 -5.98 -5.10
C LYS A 150 -2.89 -7.43 -5.34
N ASP A 151 -2.74 -7.94 -6.57
CA ASP A 151 -3.03 -9.32 -6.89
C ASP A 151 -2.14 -10.34 -6.22
N LEU A 152 -0.88 -9.98 -5.89
CA LEU A 152 0.16 -10.99 -5.56
C LEU A 152 -0.20 -11.88 -4.35
N LYS A 153 0.18 -13.17 -4.42
CA LYS A 153 -0.64 -14.24 -3.84
C LYS A 153 -0.09 -14.67 -2.46
N ALA A 154 -0.50 -15.87 -2.06
CA ALA A 154 -0.31 -16.37 -0.69
C ALA A 154 1.03 -17.09 -0.41
N GLY A 155 1.89 -16.40 0.31
CA GLY A 155 3.22 -16.90 0.69
C GLY A 155 3.57 -15.74 1.57
N CYS A 156 4.67 -15.07 1.36
CA CYS A 156 5.89 -15.55 0.74
C CYS A 156 7.04 -15.44 1.74
N LEU A 157 8.19 -16.03 1.39
CA LEU A 157 9.43 -15.81 2.12
C LEU A 157 10.50 -15.31 1.14
N VAL A 158 11.19 -14.24 1.54
CA VAL A 158 12.39 -13.76 0.84
C VAL A 158 13.52 -13.85 1.85
N ARG A 159 14.60 -14.53 1.48
CA ARG A 159 15.74 -14.72 2.37
C ARG A 159 16.81 -13.69 2.06
N VAL A 160 17.07 -12.79 3.01
CA VAL A 160 18.14 -11.81 2.90
C VAL A 160 19.38 -12.38 3.59
N PHE A 161 20.53 -12.15 2.96
CA PHE A 161 21.82 -12.55 3.51
C PHE A 161 22.65 -11.29 3.64
N TRP A 162 23.13 -11.04 4.85
CA TRP A 162 23.94 -9.88 5.17
C TRP A 162 25.35 -10.36 5.56
N PRO A 163 26.41 -9.65 5.13
CA PRO A 163 27.76 -10.12 5.47
C PRO A 163 28.04 -10.15 6.96
N LYS A 164 28.60 -11.25 7.45
CA LYS A 164 28.93 -11.41 8.88
C LYS A 164 29.99 -10.42 9.35
N ALA A 165 30.92 -10.06 8.45
CA ALA A 165 31.93 -9.02 8.72
C ALA A 165 31.31 -7.71 9.23
N LYS A 166 30.20 -7.31 8.63
CA LYS A 166 29.39 -6.20 9.13
C LYS A 166 28.38 -6.94 9.98
N CYS A 167 28.01 -6.42 11.15
CA CYS A 167 27.01 -7.09 12.02
C CYS A 167 27.43 -8.43 12.69
N ALA A 168 28.10 -8.27 13.83
CA ALA A 168 28.47 -9.38 14.72
C ALA A 168 27.37 -10.42 14.95
N LEU A 169 26.17 -9.94 15.27
CA LEU A 169 25.06 -10.81 15.73
C LEU A 169 24.71 -11.97 14.80
N LEU A 170 24.86 -11.80 13.49
CA LEU A 170 24.40 -12.81 12.51
C LEU A 170 25.21 -14.13 12.51
N ARG A 171 26.45 -14.08 12.99
CA ARG A 171 27.23 -15.29 13.31
C ARG A 171 26.59 -15.88 14.58
N ASP A 172 26.29 -17.19 14.67
CA ASP A 172 26.21 -18.21 13.59
C ASP A 172 24.87 -18.93 13.84
N ASP A 173 24.22 -19.32 12.74
CA ASP A 173 22.90 -19.97 12.74
C ASP A 173 21.72 -19.15 13.28
N LEU A 174 21.91 -17.83 13.46
CA LEU A 174 20.82 -16.93 13.83
C LEU A 174 20.03 -16.55 12.59
N VAL A 175 18.70 -16.53 12.72
CA VAL A 175 17.82 -16.07 11.65
C VAL A 175 16.81 -15.07 12.20
N LEU A 176 16.90 -13.82 11.76
CA LEU A 176 15.93 -12.80 12.12
C LEU A 176 14.79 -12.82 11.11
N VAL A 177 13.57 -12.56 11.58
CA VAL A 177 12.38 -12.55 10.72
C VAL A 177 11.56 -11.27 10.87
N ASP A 178 11.55 -10.43 9.83
CA ASP A 178 10.66 -9.27 9.73
C ASP A 178 9.33 -9.80 9.19
N SER A 179 8.22 -9.36 9.79
CA SER A 179 6.88 -9.79 9.39
C SER A 179 6.00 -8.57 9.09
N PRO A 180 4.80 -8.82 8.54
CA PRO A 180 3.81 -7.75 8.44
C PRO A 180 3.19 -7.39 9.78
N GLY A 181 2.42 -6.30 9.77
CA GLY A 181 1.71 -5.84 10.96
C GLY A 181 0.66 -6.85 11.37
N THR A 182 0.51 -7.04 12.68
CA THR A 182 -0.55 -7.87 13.20
C THR A 182 -1.89 -7.15 13.08
N ASP A 183 -2.95 -7.96 12.98
CA ASP A 183 -4.34 -7.50 12.97
C ASP A 183 -4.69 -6.61 11.77
N VAL A 184 -4.00 -6.79 10.63
CA VAL A 184 -4.33 -6.03 9.41
C VAL A 184 -5.39 -6.78 8.60
N THR A 185 -5.15 -8.06 8.33
CA THR A 185 -6.14 -8.96 7.74
C THR A 185 -6.02 -10.36 8.36
N THR A 186 -7.11 -11.12 8.31
CA THR A 186 -7.14 -12.49 8.84
C THR A 186 -6.10 -13.38 8.18
N GLU A 187 -6.00 -13.29 6.86
CA GLU A 187 -5.06 -14.11 6.10
C GLU A 187 -3.63 -13.77 6.50
N LEU A 188 -3.29 -12.48 6.56
CA LEU A 188 -1.97 -12.06 7.02
C LEU A 188 -1.65 -12.61 8.40
N ASP A 189 -2.64 -12.59 9.28
CA ASP A 189 -2.47 -13.13 10.63
C ASP A 189 -2.19 -14.64 10.60
N SER A 190 -2.91 -15.38 9.75
CA SER A 190 -2.70 -16.83 9.65
C SER A 190 -1.30 -17.17 9.11
N TRP A 191 -0.79 -16.33 8.21
CA TRP A 191 0.60 -16.44 7.75
C TRP A 191 1.59 -16.07 8.84
N ILE A 192 1.28 -15.01 9.61
CA ILE A 192 2.13 -14.63 10.76
C ILE A 192 2.25 -15.78 11.76
N ASP A 193 1.17 -16.53 11.96
CA ASP A 193 1.23 -17.75 12.78
C ASP A 193 2.15 -18.76 12.12
N LYS A 194 1.85 -19.14 10.88
CA LYS A 194 2.63 -20.17 10.17
C LYS A 194 4.14 -19.91 10.23
N PHE A 195 4.54 -18.67 9.98
CA PHE A 195 5.95 -18.28 9.98
C PHE A 195 6.53 -18.06 11.38
N CYS A 196 5.88 -17.20 12.18
CA CYS A 196 6.48 -16.69 13.43
C CYS A 196 6.17 -17.45 14.73
N LEU A 197 5.04 -18.15 14.79
CA LEU A 197 4.57 -18.82 16.04
C LEU A 197 5.62 -19.71 16.70
N ASP A 198 6.40 -20.42 15.88
CA ASP A 198 7.41 -21.37 16.38
C ASP A 198 8.79 -20.75 16.63
N ALA A 199 8.88 -19.42 16.68
CA ALA A 199 10.15 -18.74 16.94
C ALA A 199 10.70 -19.09 18.32
N ASP A 200 12.03 -19.16 18.41
CA ASP A 200 12.71 -19.41 19.67
C ASP A 200 12.65 -18.16 20.55
N VAL A 201 12.80 -16.99 19.93
CA VAL A 201 12.74 -15.71 20.64
C VAL A 201 11.86 -14.73 19.88
N PHE A 202 11.11 -13.91 20.61
CA PHE A 202 10.27 -12.88 20.03
C PHE A 202 10.76 -11.51 20.46
N VAL A 203 10.81 -10.57 19.52
CA VAL A 203 11.03 -9.16 19.84
C VAL A 203 9.71 -8.46 19.57
N LEU A 204 8.98 -8.14 20.64
CA LEU A 204 7.76 -7.35 20.54
C LEU A 204 8.16 -5.89 20.40
N VAL A 205 7.98 -5.34 19.22
CA VAL A 205 8.21 -3.91 19.00
C VAL A 205 6.89 -3.18 19.29
N ALA A 206 6.85 -2.52 20.43
CA ALA A 206 5.67 -1.76 20.87
C ALA A 206 5.85 -0.30 20.51
N ASN A 207 4.73 0.39 20.28
CA ASN A 207 4.75 1.81 19.99
C ASN A 207 4.63 2.62 21.27
N SER A 208 5.75 3.18 21.72
CA SER A 208 5.81 3.93 22.97
C SER A 208 5.04 5.25 22.98
N GLU A 209 4.62 5.77 21.82
CA GLU A 209 3.66 6.89 21.79
C GLU A 209 2.27 6.44 22.27
N SER A 210 1.95 5.18 22.04
CA SER A 210 0.65 4.58 22.39
C SER A 210 0.87 3.67 23.61
N THR A 211 -0.06 2.76 23.87
CA THR A 211 0.11 1.68 24.84
C THR A 211 -0.23 0.30 24.27
N LEU A 212 0.11 -0.77 25.00
CA LEU A 212 -0.07 -2.14 24.52
C LEU A 212 -1.54 -2.52 24.38
N MET A 213 -1.91 -2.98 23.18
CA MET A 213 -3.27 -3.45 22.89
C MET A 213 -3.38 -4.95 23.18
N ASN A 214 -4.62 -5.43 23.32
CA ASN A 214 -4.85 -6.84 23.62
C ASN A 214 -4.62 -7.75 22.41
N THR A 215 -4.89 -7.28 21.19
CA THR A 215 -4.56 -8.08 20.00
C THR A 215 -3.08 -8.36 19.90
N GLU A 216 -2.25 -7.41 20.35
CA GLU A 216 -0.81 -7.61 20.40
C GLU A 216 -0.45 -8.71 21.42
N LYS A 217 -1.07 -8.64 22.59
CA LYS A 217 -0.84 -9.64 23.64
C LYS A 217 -1.36 -11.03 23.27
N HIS A 218 -2.52 -11.06 22.60
CA HIS A 218 -3.20 -12.31 22.25
C HIS A 218 -2.32 -13.32 21.49
N PHE A 219 -1.48 -12.78 20.60
CA PHE A 219 -0.51 -13.57 19.84
C PHE A 219 0.36 -14.43 20.75
N PHE A 220 0.90 -13.84 21.82
CA PHE A 220 1.81 -14.55 22.73
C PHE A 220 1.09 -15.55 23.63
N HIS A 221 -0.17 -15.29 23.95
CA HIS A 221 -1.03 -16.31 24.56
C HIS A 221 -1.25 -17.49 23.60
N LYS A 222 -1.38 -17.17 22.31
CA LYS A 222 -1.52 -18.18 21.26
C LYS A 222 -0.26 -19.04 21.15
N VAL A 223 0.92 -18.41 21.22
CA VAL A 223 2.20 -19.14 21.25
C VAL A 223 2.19 -20.17 22.39
N ASN A 224 1.75 -19.75 23.58
CA ASN A 224 1.69 -20.63 24.73
C ASN A 224 0.66 -21.76 24.55
N GLU A 225 -0.52 -21.39 24.05
CA GLU A 225 -1.58 -22.37 23.76
C GLU A 225 -1.14 -23.46 22.79
N ARG A 226 -0.33 -23.09 21.79
CA ARG A 226 0.07 -24.02 20.72
C ARG A 226 1.40 -24.71 20.95
N LEU A 227 2.32 -24.06 21.68
CA LEU A 227 3.68 -24.57 21.88
C LEU A 227 4.37 -24.55 23.24
N SER A 228 4.79 -23.38 23.74
CA SER A 228 5.47 -23.29 25.03
C SER A 228 5.47 -21.80 25.38
N LYS A 229 5.74 -21.47 26.64
CA LYS A 229 5.72 -20.07 27.09
C LYS A 229 6.82 -19.30 26.37
N PRO A 230 6.47 -18.21 25.66
CA PRO A 230 7.41 -17.53 24.75
C PRO A 230 8.51 -16.66 25.40
N ASN A 231 9.73 -16.80 24.88
CA ASN A 231 10.85 -15.92 25.25
C ASN A 231 10.60 -14.60 24.53
N ILE A 232 10.50 -13.52 25.29
CA ILE A 232 9.99 -12.24 24.79
C ILE A 232 10.88 -11.07 25.23
N PHE A 233 11.34 -10.29 24.26
CA PHE A 233 11.92 -8.97 24.52
C PHE A 233 10.87 -7.95 24.10
N ILE A 234 10.66 -6.92 24.91
CA ILE A 234 9.77 -5.81 24.55
C ILE A 234 10.61 -4.57 24.29
N LEU A 235 10.54 -4.06 23.06
CA LEU A 235 11.15 -2.78 22.69
C LEU A 235 10.05 -1.73 22.58
N ASN A 236 10.00 -0.82 23.53
CA ASN A 236 9.13 0.34 23.44
C ASN A 236 9.84 1.33 22.51
N ASN A 237 9.50 1.23 21.23
CA ASN A 237 10.18 1.96 20.16
C ASN A 237 9.47 3.30 20.04
N ARG A 238 10.07 4.27 19.37
CA ARG A 238 9.55 5.63 19.19
C ARG A 238 9.66 6.50 20.43
N TRP A 239 10.51 6.08 21.37
CA TRP A 239 10.68 6.76 22.65
C TRP A 239 11.22 8.19 22.53
N ASP A 240 11.88 8.51 21.42
CA ASP A 240 12.20 9.91 21.08
C ASP A 240 11.00 10.87 21.12
N ALA A 241 9.78 10.35 20.96
CA ALA A 241 8.55 11.11 21.22
C ALA A 241 8.52 11.80 22.59
N SER A 242 9.07 11.14 23.62
CA SER A 242 9.11 11.71 24.97
C SER A 242 10.07 12.91 25.16
N ALA A 243 10.87 13.24 24.14
CA ALA A 243 11.63 14.49 24.12
C ALA A 243 10.72 15.72 24.05
N SER A 244 9.59 15.62 23.36
CA SER A 244 8.48 16.60 23.52
C SER A 244 7.77 16.17 24.82
N GLU A 245 7.31 17.12 25.63
CA GLU A 245 6.64 16.82 26.89
C GLU A 245 7.52 16.09 27.93
N PRO A 246 8.75 16.60 28.22
CA PRO A 246 9.61 16.05 29.29
C PRO A 246 9.00 16.07 30.71
N GLU A 247 8.08 16.99 30.96
CA GLU A 247 7.36 17.07 32.25
C GLU A 247 6.55 15.82 32.63
N TYR A 248 6.30 14.93 31.68
CA TYR A 248 5.65 13.63 31.94
C TYR A 248 6.52 12.40 31.59
N MET A 249 7.72 12.60 31.02
CA MET A 249 8.55 11.50 30.53
C MET A 249 8.62 10.34 31.52
N GLU A 250 8.98 10.66 32.77
CA GLU A 250 9.18 9.63 33.79
C GLU A 250 7.87 8.93 34.14
N ASP A 251 6.77 9.68 34.13
CA ASP A 251 5.44 9.13 34.40
C ASP A 251 4.94 8.20 33.30
N VAL A 252 5.23 8.57 32.05
CA VAL A 252 4.87 7.76 30.89
C VAL A 252 5.72 6.49 30.86
N ARG A 253 7.01 6.66 31.08
CA ARG A 253 7.95 5.54 31.19
C ARG A 253 7.50 4.55 32.28
N ARG A 254 7.11 5.08 33.44
CA ARG A 254 6.57 4.27 34.54
C ARG A 254 5.31 3.50 34.10
N GLN A 255 4.43 4.17 33.35
CA GLN A 255 3.20 3.53 32.88
C GLN A 255 3.53 2.32 32.00
N HIS A 256 4.39 2.52 31.01
CA HIS A 256 4.80 1.43 30.12
C HIS A 256 5.46 0.30 30.87
N MET A 257 6.44 0.65 31.70
CA MET A 257 7.16 -0.35 32.48
C MET A 257 6.20 -1.19 33.33
N GLU A 258 5.24 -0.55 33.98
CA GLU A 258 4.26 -1.28 34.81
C GLU A 258 3.37 -2.21 33.97
N ARG A 259 2.92 -1.72 32.81
CA ARG A 259 2.06 -2.50 31.93
C ARG A 259 2.79 -3.70 31.30
N CYS A 260 3.99 -3.45 30.79
CA CYS A 260 4.84 -4.50 30.22
C CYS A 260 5.21 -5.56 31.26
N LEU A 261 5.57 -5.11 32.47
CA LEU A 261 5.83 -6.01 33.60
C LEU A 261 4.62 -6.89 33.90
N HIS A 262 3.44 -6.27 33.99
CA HIS A 262 2.21 -7.01 34.23
C HIS A 262 1.93 -8.05 33.13
N PHE A 263 2.23 -7.68 31.89
CA PHE A 263 2.05 -8.60 30.75
C PHE A 263 2.94 -9.85 30.86
N LEU A 264 4.24 -9.64 31.08
CA LEU A 264 5.19 -10.76 31.15
C LEU A 264 5.03 -11.58 32.44
N VAL A 265 4.81 -10.88 33.56
CA VAL A 265 4.89 -11.49 34.88
C VAL A 265 3.55 -12.02 35.39
N GLU A 266 2.48 -11.23 35.25
CA GLU A 266 1.16 -11.63 35.76
C GLU A 266 0.28 -12.31 34.71
N GLU A 267 0.25 -11.78 33.48
CA GLU A 267 -0.65 -12.30 32.44
C GLU A 267 -0.11 -13.57 31.79
N LEU A 268 1.09 -13.50 31.21
CA LEU A 268 1.74 -14.67 30.63
C LEU A 268 2.35 -15.59 31.69
N LYS A 269 2.81 -15.01 32.80
CA LYS A 269 3.53 -15.75 33.84
C LYS A 269 4.71 -16.52 33.23
N VAL A 270 5.48 -15.81 32.40
CA VAL A 270 6.63 -16.41 31.72
C VAL A 270 7.95 -16.12 32.45
N VAL A 271 7.97 -15.05 33.25
CA VAL A 271 9.18 -14.53 33.86
C VAL A 271 8.82 -13.82 35.17
N ASN A 272 9.75 -13.75 36.13
CA ASN A 272 9.52 -12.98 37.36
C ASN A 272 9.87 -11.51 37.14
N ALA A 273 9.51 -10.64 38.07
CA ALA A 273 9.69 -9.20 37.90
C ALA A 273 11.15 -8.79 37.68
N LEU A 274 12.08 -9.45 38.37
CA LEU A 274 13.52 -9.16 38.26
C LEU A 274 14.08 -9.53 36.87
N GLU A 275 13.64 -10.68 36.34
CA GLU A 275 14.02 -11.09 34.97
C GLU A 275 13.43 -10.13 33.94
N ALA A 276 12.16 -9.80 34.09
CA ALA A 276 11.44 -8.87 33.19
C ALA A 276 12.11 -7.51 33.07
N GLN A 277 12.76 -7.05 34.13
CA GLN A 277 13.55 -5.81 34.09
C GLN A 277 14.49 -5.79 32.88
N ASN A 278 15.18 -6.90 32.64
CA ASN A 278 16.16 -7.02 31.55
C ASN A 278 15.57 -7.52 30.22
N ARG A 279 14.24 -7.49 30.09
CA ARG A 279 13.55 -7.78 28.84
C ARG A 279 12.79 -6.58 28.25
N ILE A 280 12.66 -5.49 29.00
CA ILE A 280 11.89 -4.32 28.59
C ILE A 280 12.84 -3.13 28.36
N PHE A 281 12.71 -2.49 27.20
CA PHE A 281 13.59 -1.38 26.81
C PHE A 281 12.81 -0.23 26.20
N PHE A 282 13.47 0.93 26.21
CA PHE A 282 12.90 2.17 25.66
C PHE A 282 13.92 2.74 24.70
N VAL A 283 13.56 2.78 23.42
CA VAL A 283 14.54 3.03 22.36
C VAL A 283 13.93 3.80 21.18
N SER A 284 14.81 4.31 20.32
CA SER A 284 14.42 4.88 19.05
C SER A 284 15.25 4.26 17.94
N ALA A 285 14.69 3.24 17.29
CA ALA A 285 15.32 2.60 16.13
C ALA A 285 15.78 3.65 15.12
N LYS A 286 14.89 4.58 14.79
CA LYS A 286 15.17 5.68 13.86
C LYS A 286 16.46 6.43 14.21
N GLU A 287 16.61 6.81 15.47
CA GLU A 287 17.81 7.49 15.95
C GLU A 287 19.06 6.63 15.82
N VAL A 288 18.95 5.37 16.25
CA VAL A 288 20.08 4.45 16.24
C VAL A 288 20.54 4.19 14.80
N LEU A 289 19.59 3.96 13.90
CA LEU A 289 19.89 3.76 12.47
C LEU A 289 20.55 4.99 11.87
N SER A 290 19.97 6.16 12.13
CA SER A 290 20.52 7.43 11.64
C SER A 290 21.97 7.65 12.10
N ALA A 291 22.24 7.38 13.37
CA ALA A 291 23.58 7.55 13.93
C ALA A 291 24.59 6.54 13.36
N ARG A 292 24.15 5.29 13.25
CA ARG A 292 24.99 4.21 12.70
C ARG A 292 25.27 4.35 11.22
N LYS A 293 24.25 4.69 10.44
CA LYS A 293 24.40 4.90 8.99
C LYS A 293 25.23 6.15 8.65
N GLN A 294 25.51 6.98 9.66
CA GLN A 294 26.65 7.94 9.59
C GLN A 294 28.15 7.89 9.90
N LYS A 295 28.69 6.89 10.58
CA LYS A 295 30.14 6.95 10.95
C LYS A 295 30.88 6.86 9.59
N ALA A 296 30.91 7.98 8.85
CA ALA A 296 31.18 8.02 7.39
C ALA A 296 30.49 6.92 6.58
N ALA A 305 22.42 20.32 16.75
CA ALA A 305 21.39 20.07 17.75
C ALA A 305 20.80 18.66 17.62
N LEU A 306 20.96 17.85 18.67
CA LEU A 306 20.44 16.47 18.71
C LEU A 306 19.30 16.37 19.73
N ALA A 307 18.27 15.58 19.40
CA ALA A 307 17.06 15.46 20.25
C ALA A 307 17.41 14.91 21.63
N GLU A 308 16.66 15.32 22.66
CA GLU A 308 17.09 15.16 24.05
C GLU A 308 16.89 13.72 24.51
N GLY A 309 17.86 13.25 25.33
CA GLY A 309 18.01 11.86 25.70
C GLY A 309 18.38 10.85 24.62
N PHE A 310 18.88 11.32 23.48
CA PHE A 310 19.36 10.46 22.39
C PHE A 310 20.36 9.41 22.90
N HIS A 311 21.32 9.88 23.70
CA HIS A 311 22.39 9.04 24.21
C HIS A 311 21.90 7.94 25.15
N ALA A 312 20.91 8.27 25.98
CA ALA A 312 20.26 7.27 26.84
C ALA A 312 19.56 6.19 26.01
N ARG A 313 18.77 6.61 25.03
CA ARG A 313 18.04 5.69 24.14
C ARG A 313 18.97 4.82 23.31
N LEU A 314 20.12 5.39 22.94
CA LEU A 314 21.18 4.64 22.27
C LEU A 314 21.79 3.58 23.18
N GLN A 315 22.14 3.97 24.41
CA GLN A 315 22.74 3.04 25.37
C GLN A 315 21.80 1.88 25.71
N GLU A 316 20.49 2.13 25.71
CA GLU A 316 19.52 1.06 25.96
C GLU A 316 19.34 0.13 24.75
N PHE A 317 19.44 0.66 23.54
CA PHE A 317 19.45 -0.20 22.36
C PHE A 317 20.66 -1.11 22.38
N GLN A 318 21.80 -0.54 22.78
CA GLN A 318 23.04 -1.31 22.94
C GLN A 318 22.92 -2.39 24.02
N ASN A 319 22.26 -2.07 25.13
CA ASN A 319 22.00 -3.05 26.20
C ASN A 319 21.11 -4.18 25.69
N PHE A 320 20.07 -3.83 24.93
CA PHE A 320 19.21 -4.81 24.27
C PHE A 320 20.02 -5.76 23.40
N GLU A 321 20.91 -5.20 22.57
CA GLU A 321 21.75 -6.01 21.69
C GLU A 321 22.72 -6.91 22.46
N GLN A 322 23.26 -6.41 23.58
CA GLN A 322 24.16 -7.19 24.42
C GLN A 322 23.43 -8.37 25.07
N ILE A 323 22.26 -8.10 25.65
CA ILE A 323 21.47 -9.12 26.34
C ILE A 323 20.86 -10.11 25.34
N PHE A 324 20.43 -9.60 24.20
CA PHE A 324 19.94 -10.41 23.07
C PHE A 324 21.03 -11.38 22.61
N GLU A 325 22.26 -10.88 22.43
CA GLU A 325 23.40 -11.74 22.07
C GLU A 325 23.77 -12.76 23.14
N GLU A 326 23.64 -12.37 24.42
CA GLU A 326 23.99 -13.25 25.55
C GLU A 326 23.04 -14.45 25.63
N CYS A 327 21.76 -14.23 25.33
CA CYS A 327 20.83 -15.34 25.20
C CYS A 327 20.97 -16.26 23.99
N ILE A 328 21.08 -15.77 22.75
CA ILE A 328 21.08 -16.72 21.57
C ILE A 328 22.44 -17.45 21.40
N SER A 329 23.45 -17.04 22.16
CA SER A 329 24.80 -17.66 22.11
C SER A 329 25.18 -18.31 23.46
N GLN A 330 25.65 -17.54 24.44
CA GLN A 330 26.06 -18.10 25.75
C GLN A 330 24.98 -18.99 26.36
N SER A 331 23.76 -18.46 26.46
CA SER A 331 22.64 -19.18 27.09
C SER A 331 21.73 -19.84 26.05
N ALA A 332 22.31 -20.28 24.92
CA ALA A 332 21.53 -20.89 23.83
C ALA A 332 20.91 -22.23 24.23
N VAL A 333 21.56 -22.95 25.16
CA VAL A 333 20.98 -24.17 25.72
C VAL A 333 19.66 -23.85 26.42
N LYS A 334 19.70 -22.83 27.27
CA LYS A 334 18.53 -22.35 27.99
C LYS A 334 17.46 -21.86 27.02
N THR A 335 17.87 -20.90 26.16
CA THR A 335 16.99 -20.22 25.21
C THR A 335 16.28 -21.18 24.27
N LYS A 336 17.02 -22.15 23.72
CA LYS A 336 16.46 -23.08 22.75
C LYS A 336 15.59 -24.15 23.41
N PHE A 337 16.00 -24.66 24.58
CA PHE A 337 15.39 -25.89 25.13
C PHE A 337 14.50 -25.74 26.37
N GLU A 338 14.85 -24.85 27.30
CA GLU A 338 14.25 -24.88 28.65
C GLU A 338 12.71 -24.92 28.66
N GLN A 339 12.09 -23.92 28.02
CA GLN A 339 10.63 -23.78 28.01
C GLN A 339 9.92 -25.01 27.43
N HIS A 340 10.53 -25.61 26.40
CA HIS A 340 10.00 -26.82 25.80
C HIS A 340 10.12 -28.04 26.74
N THR A 341 11.19 -28.13 27.51
CA THR A 341 11.35 -29.21 28.48
C THR A 341 10.33 -29.06 29.62
N ILE A 342 10.07 -27.81 30.04
CA ILE A 342 9.07 -27.53 31.08
C ILE A 342 7.68 -27.99 30.59
N ARG A 343 7.32 -27.56 29.38
CA ARG A 343 6.08 -27.96 28.75
C ARG A 343 6.00 -29.50 28.60
N ALA A 344 7.12 -30.13 28.26
CA ALA A 344 7.18 -31.60 28.22
C ALA A 344 6.80 -32.23 29.56
N LYS A 345 7.33 -31.69 30.65
CA LYS A 345 7.00 -32.17 32.00
C LYS A 345 5.50 -32.00 32.29
N GLN A 346 4.97 -30.83 31.92
CA GLN A 346 3.54 -30.52 32.07
C GLN A 346 2.66 -31.51 31.30
N ILE A 347 2.99 -31.75 30.03
CA ILE A 347 2.19 -32.67 29.20
C ILE A 347 2.22 -34.09 29.80
N LEU A 348 3.41 -34.58 30.17
CA LEU A 348 3.55 -35.89 30.82
C LEU A 348 2.69 -36.04 32.07
N ALA A 349 2.65 -35.00 32.91
CA ALA A 349 1.83 -34.98 34.11
C ALA A 349 0.35 -35.21 33.78
N THR A 350 -0.15 -34.47 32.78
CA THR A 350 -1.52 -34.63 32.32
C THR A 350 -1.79 -35.99 31.69
N VAL A 351 -0.82 -36.52 30.95
CA VAL A 351 -0.94 -37.87 30.36
C VAL A 351 -1.11 -38.89 31.49
N LYS A 352 -0.26 -38.80 32.51
CA LYS A 352 -0.39 -39.64 33.72
C LYS A 352 -1.79 -39.60 34.33
N ASN A 353 -2.36 -38.40 34.44
CA ASN A 353 -3.73 -38.24 34.94
C ASN A 353 -4.75 -38.96 34.06
N ILE A 354 -4.58 -38.85 32.74
CA ILE A 354 -5.50 -39.51 31.81
C ILE A 354 -5.42 -41.04 32.01
N MET A 355 -4.20 -41.58 32.08
CA MET A 355 -4.00 -43.02 32.29
C MET A 355 -4.58 -43.51 33.62
N ASP A 356 -4.43 -42.70 34.68
CA ASP A 356 -5.06 -43.00 35.98
C ASP A 356 -6.57 -43.02 35.88
N SER A 357 -7.14 -42.00 35.24
CA SER A 357 -8.59 -41.91 35.01
C SER A 357 -9.14 -43.14 34.28
N VAL A 358 -8.41 -43.61 33.27
CA VAL A 358 -8.80 -44.81 32.51
C VAL A 358 -8.70 -46.05 33.42
N ASN A 359 -7.63 -46.15 34.21
CA ASN A 359 -7.43 -47.27 35.14
C ASN A 359 -8.56 -47.40 36.14
N LEU A 360 -8.92 -46.30 36.80
CA LEU A 360 -9.98 -46.33 37.81
C LEU A 360 -11.34 -46.59 37.16
N ALA A 361 -11.61 -45.93 36.04
CA ALA A 361 -12.83 -46.21 35.25
C ALA A 361 -12.99 -47.71 34.92
N ALA A 362 -11.87 -48.37 34.64
CA ALA A 362 -11.86 -49.83 34.37
C ALA A 362 -12.31 -50.68 35.56
N GLU A 363 -12.00 -50.24 36.77
CA GLU A 363 -12.46 -50.92 37.97
C GLU A 363 -13.97 -50.91 38.11
N ASP A 364 -14.69 -50.08 37.33
CA ASP A 364 -16.14 -50.04 37.37
C ASP A 364 -16.70 -49.65 36.00
N LEU A 378 -19.82 -60.25 32.69
CA LEU A 378 -19.39 -61.47 31.98
C LEU A 378 -17.90 -61.76 32.27
N PRO A 379 -17.43 -62.99 31.97
CA PRO A 379 -16.00 -63.32 32.12
C PRO A 379 -15.09 -62.73 31.02
N LYS A 380 -15.55 -62.78 29.76
CA LYS A 380 -14.83 -62.16 28.63
C LYS A 380 -14.75 -60.63 28.78
N GLU A 381 -15.84 -60.04 29.25
CA GLU A 381 -15.97 -58.58 29.41
C GLU A 381 -15.06 -58.07 30.55
N ILE A 382 -15.01 -58.78 31.68
CA ILE A 382 -14.09 -58.42 32.77
C ILE A 382 -12.64 -58.65 32.37
N ASP A 383 -12.37 -59.67 31.56
CA ASP A 383 -11.00 -59.96 31.12
C ASP A 383 -10.48 -58.83 30.21
N GLN A 384 -11.33 -58.41 29.27
CA GLN A 384 -11.07 -57.23 28.43
C GLN A 384 -10.80 -55.98 29.28
N LEU A 385 -11.63 -55.77 30.30
CA LEU A 385 -11.51 -54.60 31.19
C LEU A 385 -10.21 -54.57 31.98
N GLU A 386 -9.73 -55.70 32.48
CA GLU A 386 -8.44 -55.76 33.20
C GLU A 386 -7.23 -55.60 32.24
N LYS A 387 -7.41 -55.97 30.96
CA LYS A 387 -6.39 -55.72 29.95
C LYS A 387 -6.17 -54.21 29.72
N ILE A 388 -7.26 -53.43 29.78
CA ILE A 388 -7.18 -51.97 29.71
C ILE A 388 -6.44 -51.42 30.94
N GLN A 389 -6.73 -51.99 32.12
CA GLN A 389 -6.07 -51.62 33.38
C GLN A 389 -4.56 -51.81 33.32
N ASN A 390 -4.13 -52.97 32.82
CA ASN A 390 -2.71 -53.32 32.71
C ASN A 390 -2.00 -52.39 31.72
N ASN A 391 -2.63 -52.18 30.56
CA ASN A 391 -2.12 -51.25 29.55
C ASN A 391 -1.96 -49.83 30.10
N SER A 392 -2.99 -49.35 30.78
CA SER A 392 -2.98 -47.98 31.33
C SER A 392 -1.88 -47.79 32.37
N LYS A 393 -1.68 -48.79 33.23
CA LYS A 393 -0.63 -48.76 34.25
C LYS A 393 0.76 -48.79 33.62
N LEU A 394 0.97 -49.63 32.60
CA LEU A 394 2.28 -49.74 31.98
C LEU A 394 2.65 -48.48 31.19
N LEU A 395 1.67 -47.88 30.51
CA LEU A 395 1.84 -46.57 29.88
C LEU A 395 2.19 -45.50 30.92
N ARG A 396 1.46 -45.50 32.04
CA ARG A 396 1.73 -44.57 33.14
C ARG A 396 3.19 -44.62 33.58
N ASN A 397 3.74 -45.82 33.76
CA ASN A 397 5.12 -45.93 34.27
C ASN A 397 6.17 -45.57 33.20
N LYS A 398 5.84 -45.77 31.93
CA LYS A 398 6.67 -45.22 30.84
C LYS A 398 6.73 -43.70 30.95
N ALA A 399 5.58 -43.08 31.22
CA ALA A 399 5.49 -41.63 31.45
C ALA A 399 6.37 -41.16 32.61
N VAL A 400 6.42 -41.95 33.69
CA VAL A 400 7.27 -41.60 34.84
C VAL A 400 8.75 -41.77 34.50
N GLN A 401 9.08 -42.78 33.68
CA GLN A 401 10.46 -42.95 33.21
C GLN A 401 10.93 -41.71 32.45
N LEU A 402 10.08 -41.26 31.52
CA LEU A 402 10.35 -40.07 30.72
C LEU A 402 10.45 -38.79 31.56
N GLU A 403 9.60 -38.67 32.58
CA GLU A 403 9.68 -37.57 33.56
C GLU A 403 11.05 -37.52 34.23
N ASN A 404 11.58 -38.69 34.59
CA ASN A 404 12.90 -38.79 35.21
C ASN A 404 14.01 -38.42 34.24
N GLU A 405 13.92 -38.90 33.01
CA GLU A 405 14.91 -38.56 31.97
C GLU A 405 14.94 -37.04 31.71
N LEU A 406 13.75 -36.42 31.67
CA LEU A 406 13.65 -34.95 31.55
C LEU A 406 14.22 -34.24 32.77
N GLU A 407 13.95 -34.76 33.96
CA GLU A 407 14.50 -34.20 35.20
C GLU A 407 16.04 -34.30 35.23
N ASN A 408 16.58 -35.42 34.74
CA ASN A 408 18.03 -35.59 34.61
C ASN A 408 18.61 -34.57 33.64
N PHE A 409 17.98 -34.44 32.48
CA PHE A 409 18.38 -33.43 31.50
C PHE A 409 18.42 -32.04 32.12
N THR A 410 17.37 -31.67 32.84
CA THR A 410 17.28 -30.36 33.48
C THR A 410 18.40 -30.15 34.51
N LYS A 411 18.73 -31.20 35.27
CA LYS A 411 19.84 -31.13 36.24
C LYS A 411 21.17 -30.89 35.51
N GLN A 412 21.50 -31.80 34.60
CA GLN A 412 22.81 -31.77 33.93
C GLN A 412 23.00 -30.62 32.94
N PHE A 413 21.93 -30.06 32.38
CA PHE A 413 22.05 -28.99 31.37
C PHE A 413 21.45 -27.61 31.71
N LEU A 414 20.77 -27.46 32.84
CA LEU A 414 20.08 -26.20 33.17
C LEU A 414 20.27 -25.68 34.62
N PRO A 415 19.90 -24.41 34.90
CA PRO A 415 20.15 -23.87 36.26
C PRO A 415 19.20 -24.38 37.34
N SER B 6 -39.76 26.43 8.96
CA SER B 6 -38.38 26.75 9.44
C SER B 6 -37.55 25.45 9.50
N PRO B 7 -36.21 25.56 9.70
CA PRO B 7 -35.40 24.35 9.90
C PRO B 7 -35.78 23.55 11.15
N LEU B 8 -35.93 24.24 12.28
CA LEU B 8 -36.26 23.61 13.57
C LEU B 8 -37.61 22.88 13.51
N LYS B 9 -38.63 23.53 12.92
CA LYS B 9 -39.97 22.94 12.86
C LYS B 9 -39.98 21.71 11.93
N HIS B 10 -39.27 21.79 10.80
CA HIS B 10 -39.09 20.66 9.90
C HIS B 10 -38.53 19.44 10.64
N PHE B 11 -37.54 19.68 11.51
CA PHE B 11 -36.95 18.63 12.35
C PHE B 11 -37.95 18.03 13.34
N VAL B 12 -38.69 18.88 14.05
CA VAL B 12 -39.61 18.40 15.10
C VAL B 12 -40.78 17.62 14.49
N LEU B 13 -41.25 18.07 13.33
CA LEU B 13 -42.24 17.32 12.56
C LEU B 13 -41.71 15.94 12.20
N ALA B 14 -40.51 15.91 11.63
CA ALA B 14 -39.83 14.67 11.25
C ALA B 14 -39.69 13.72 12.44
N LYS B 15 -39.27 14.26 13.59
CA LYS B 15 -39.08 13.44 14.79
C LYS B 15 -40.40 12.79 15.25
N LYS B 16 -41.46 13.59 15.33
CA LYS B 16 -42.77 13.10 15.74
C LYS B 16 -43.28 12.04 14.77
N ALA B 17 -43.08 12.26 13.47
CA ALA B 17 -43.45 11.32 12.42
C ALA B 17 -42.74 9.98 12.59
N ILE B 18 -41.41 9.99 12.50
CA ILE B 18 -40.60 8.76 12.57
C ILE B 18 -40.72 8.01 13.91
N THR B 19 -40.81 8.74 15.02
CA THR B 19 -40.97 8.11 16.33
C THR B 19 -42.31 7.34 16.40
N ALA B 20 -43.35 7.97 15.85
CA ALA B 20 -44.69 7.38 15.76
C ALA B 20 -44.71 6.13 14.86
N ILE B 21 -43.96 6.17 13.76
CA ILE B 21 -43.80 5.02 12.86
C ILE B 21 -43.12 3.88 13.62
N PHE B 22 -42.03 4.20 14.30
CA PHE B 22 -41.28 3.21 15.06
C PHE B 22 -42.05 2.56 16.21
N ASP B 23 -42.99 3.30 16.79
CA ASP B 23 -43.90 2.72 17.78
C ASP B 23 -44.70 1.59 17.12
N GLN B 24 -45.31 1.90 15.97
CA GLN B 24 -46.06 0.91 15.20
C GLN B 24 -45.19 -0.28 14.79
N LEU B 25 -43.96 0.02 14.37
CA LEU B 25 -42.97 -0.99 13.99
C LEU B 25 -42.72 -1.97 15.14
N LEU B 26 -42.41 -1.40 16.31
CA LEU B 26 -42.04 -2.20 17.48
C LEU B 26 -43.16 -3.13 17.93
N GLU B 27 -44.40 -2.64 17.94
CA GLU B 27 -45.56 -3.49 18.26
C GLU B 27 -45.74 -4.60 17.21
N PHE B 28 -45.55 -4.24 15.93
CA PHE B 28 -45.67 -5.23 14.85
C PHE B 28 -44.69 -6.40 15.02
N VAL B 29 -43.42 -6.06 15.28
CA VAL B 29 -42.35 -7.07 15.38
C VAL B 29 -42.46 -7.89 16.66
N THR B 30 -42.91 -7.27 17.75
CA THR B 30 -43.21 -8.01 18.98
C THR B 30 -44.31 -9.06 18.76
N GLU B 31 -45.34 -8.68 18.00
CA GLU B 31 -46.44 -9.60 17.67
C GLU B 31 -45.96 -10.75 16.76
N GLY B 32 -45.26 -10.38 15.69
CA GLY B 32 -44.65 -11.36 14.79
C GLY B 32 -43.66 -12.29 15.47
N SER B 33 -42.89 -11.75 16.42
CA SER B 33 -41.95 -12.54 17.23
C SER B 33 -42.68 -13.58 18.07
N HIS B 34 -43.80 -13.18 18.66
CA HIS B 34 -44.65 -14.10 19.43
C HIS B 34 -45.26 -15.19 18.54
N PHE B 35 -45.70 -14.79 17.34
CA PHE B 35 -46.27 -15.73 16.36
C PHE B 35 -45.25 -16.79 15.94
N VAL B 36 -44.08 -16.32 15.52
CA VAL B 36 -42.98 -17.20 15.07
C VAL B 36 -42.52 -18.13 16.19
N GLU B 37 -42.40 -17.58 17.41
CA GLU B 37 -42.07 -18.37 18.60
C GLU B 37 -43.06 -19.50 18.82
N ALA B 38 -44.35 -19.14 18.81
CA ALA B 38 -45.43 -20.11 18.99
C ALA B 38 -45.40 -21.22 17.93
N THR B 39 -45.18 -20.83 16.68
CA THR B 39 -45.15 -21.78 15.56
C THR B 39 -43.96 -22.75 15.67
N TYR B 40 -42.79 -22.21 15.97
CA TYR B 40 -41.56 -23.00 16.16
C TYR B 40 -41.68 -23.98 17.31
N LYS B 41 -42.09 -23.49 18.49
CA LYS B 41 -42.16 -24.31 19.70
C LYS B 41 -43.29 -25.36 19.72
N ASN B 42 -44.32 -25.19 18.88
CA ASN B 42 -45.44 -26.13 18.84
C ASN B 42 -44.98 -27.53 18.40
N PRO B 43 -45.10 -28.54 19.31
CA PRO B 43 -44.66 -29.89 18.97
C PRO B 43 -45.48 -30.60 17.87
N GLU B 44 -46.71 -30.14 17.63
CA GLU B 44 -47.56 -30.71 16.58
C GLU B 44 -47.06 -30.39 15.15
N LEU B 45 -46.26 -29.33 14.99
CA LEU B 45 -45.98 -28.77 13.67
C LEU B 45 -44.55 -28.53 13.26
N ASP B 46 -43.60 -29.36 13.71
CA ASP B 46 -42.14 -29.28 13.41
C ASP B 46 -41.90 -29.94 12.02
N ARG B 47 -41.48 -29.15 11.03
CA ARG B 47 -40.57 -27.96 11.09
C ARG B 47 -41.08 -26.74 10.25
N ILE B 48 -42.08 -26.05 10.79
CA ILE B 48 -42.79 -24.98 10.05
C ILE B 48 -42.02 -23.66 10.05
N ALA B 49 -41.67 -23.22 11.25
CA ALA B 49 -40.76 -22.07 11.46
C ALA B 49 -39.48 -22.62 12.08
N THR B 50 -38.34 -22.01 11.76
CA THR B 50 -37.03 -22.50 12.21
C THR B 50 -36.56 -21.71 13.44
N GLU B 51 -35.55 -22.25 14.13
CA GLU B 51 -34.93 -21.56 15.28
C GLU B 51 -34.30 -20.24 14.84
N ASP B 52 -33.62 -20.26 13.69
CA ASP B 52 -33.04 -19.04 13.10
C ASP B 52 -34.06 -17.94 12.85
N ASP B 53 -35.25 -18.32 12.38
CA ASP B 53 -36.37 -17.38 12.22
C ASP B 53 -36.69 -16.72 13.57
N LEU B 54 -36.83 -17.55 14.61
CA LEU B 54 -37.16 -17.08 15.95
C LEU B 54 -36.08 -16.14 16.52
N VAL B 55 -34.82 -16.53 16.40
CA VAL B 55 -33.69 -15.72 16.89
C VAL B 55 -33.65 -14.38 16.18
N GLU B 56 -33.81 -14.40 14.86
CA GLU B 56 -33.82 -13.17 14.04
C GLU B 56 -34.92 -12.20 14.47
N MET B 57 -36.14 -12.73 14.65
CA MET B 57 -37.29 -11.91 15.05
C MET B 57 -37.12 -11.33 16.47
N GLN B 58 -36.59 -12.15 17.39
CA GLN B 58 -36.27 -11.68 18.74
C GLN B 58 -35.22 -10.58 18.72
N GLY B 59 -34.16 -10.80 17.95
CA GLY B 59 -33.13 -9.79 17.72
C GLY B 59 -33.69 -8.49 17.17
N TYR B 60 -34.65 -8.58 16.25
CA TYR B 60 -35.31 -7.40 15.68
C TYR B 60 -36.14 -6.61 16.68
N LYS B 61 -36.87 -7.32 17.55
CA LYS B 61 -37.60 -6.70 18.65
C LYS B 61 -36.65 -5.85 19.52
N ASP B 62 -35.54 -6.46 19.93
CA ASP B 62 -34.54 -5.80 20.77
C ASP B 62 -33.99 -4.57 20.04
N LYS B 63 -33.45 -4.81 18.84
CA LYS B 63 -32.93 -3.75 17.96
C LYS B 63 -33.85 -2.55 17.92
N LEU B 64 -35.13 -2.80 17.66
CA LEU B 64 -36.12 -1.75 17.50
C LEU B 64 -36.40 -0.95 18.76
N SER B 65 -36.45 -1.63 19.91
CA SER B 65 -36.58 -0.93 21.19
C SER B 65 -35.43 0.06 21.41
N ILE B 66 -34.20 -0.42 21.22
CA ILE B 66 -33.03 0.43 21.41
C ILE B 66 -33.03 1.59 20.40
N ILE B 67 -33.33 1.31 19.13
CA ILE B 67 -33.40 2.35 18.10
C ILE B 67 -34.52 3.35 18.42
N GLY B 68 -35.66 2.86 18.91
CA GLY B 68 -36.72 3.74 19.39
C GLY B 68 -36.19 4.78 20.37
N GLU B 69 -35.49 4.31 21.40
CA GLU B 69 -34.86 5.18 22.38
C GLU B 69 -33.91 6.20 21.72
N VAL B 70 -33.05 5.72 20.83
CA VAL B 70 -32.09 6.58 20.12
C VAL B 70 -32.79 7.70 19.36
N LEU B 71 -33.90 7.37 18.69
CA LEU B 71 -34.69 8.36 17.92
C LEU B 71 -35.26 9.44 18.80
N SER B 72 -35.85 9.04 19.93
CA SER B 72 -36.50 9.93 20.87
C SER B 72 -35.57 10.77 21.78
N ARG B 73 -34.27 10.89 21.48
CA ARG B 73 -33.31 11.57 22.39
C ARG B 73 -33.12 13.06 22.04
N ARG B 74 -33.03 13.90 23.05
CA ARG B 74 -32.97 15.35 22.88
C ARG B 74 -31.70 15.88 22.23
N HIS B 75 -30.61 15.09 22.17
CA HIS B 75 -29.32 15.62 21.72
C HIS B 75 -28.71 14.78 20.62
N MET B 76 -27.86 15.42 19.82
CA MET B 76 -27.08 14.73 18.80
C MET B 76 -25.75 14.36 19.45
N LYS B 77 -25.47 13.06 19.55
CA LYS B 77 -24.22 12.59 20.14
C LYS B 77 -23.21 12.26 19.06
N VAL B 78 -22.01 12.79 19.21
CA VAL B 78 -20.88 12.46 18.34
C VAL B 78 -19.77 11.84 19.18
N ALA B 79 -19.50 10.56 18.92
CA ALA B 79 -18.45 9.81 19.63
C ALA B 79 -17.15 9.83 18.83
N PHE B 80 -16.05 10.12 19.51
CA PHE B 80 -14.71 10.01 18.94
C PHE B 80 -14.14 8.67 19.35
N PHE B 81 -13.65 7.93 18.36
CA PHE B 81 -13.22 6.55 18.56
C PHE B 81 -11.91 6.31 17.83
N GLY B 82 -11.09 5.46 18.42
CA GLY B 82 -9.80 5.13 17.84
C GLY B 82 -8.90 4.42 18.82
N ARG B 83 -7.75 4.04 18.27
CA ARG B 83 -6.64 3.46 18.99
C ARG B 83 -6.10 4.41 20.04
N THR B 84 -5.30 3.91 20.96
CA THR B 84 -4.60 4.75 21.92
C THR B 84 -3.55 5.58 21.16
N SER B 85 -3.71 6.91 21.21
CA SER B 85 -2.76 7.91 20.65
C SER B 85 -2.84 8.22 19.16
N SER B 86 -3.93 7.79 18.52
CA SER B 86 -4.21 8.23 17.16
C SER B 86 -4.44 9.74 17.13
N GLY B 87 -5.09 10.28 18.17
CA GLY B 87 -5.30 11.72 18.32
C GLY B 87 -6.69 12.24 18.68
N LYS B 88 -7.49 11.41 19.36
CA LYS B 88 -8.90 11.73 19.62
C LYS B 88 -9.05 13.02 20.41
N SER B 89 -8.47 13.04 21.62
CA SER B 89 -8.50 14.21 22.49
C SER B 89 -7.98 15.45 21.75
N SER B 90 -6.87 15.28 21.02
CA SER B 90 -6.23 16.38 20.29
C SER B 90 -7.05 16.95 19.14
N VAL B 91 -7.83 16.09 18.48
CA VAL B 91 -8.77 16.53 17.44
C VAL B 91 -9.81 17.47 18.04
N ILE B 92 -10.39 17.07 19.17
CA ILE B 92 -11.39 17.89 19.88
C ILE B 92 -10.76 19.19 20.36
N ASN B 93 -9.56 19.11 20.95
CA ASN B 93 -8.82 20.30 21.37
C ASN B 93 -8.59 21.28 20.22
N ALA B 94 -8.38 20.75 19.00
CA ALA B 94 -8.24 21.59 17.81
C ALA B 94 -9.57 22.25 17.40
N MET B 95 -10.67 21.50 17.49
CA MET B 95 -12.01 22.03 17.18
C MET B 95 -12.42 23.14 18.14
N LEU B 96 -12.09 22.94 19.42
CA LEU B 96 -12.21 23.97 20.45
C LEU B 96 -10.83 24.54 20.19
N TRP B 97 -10.57 25.83 20.26
CA TRP B 97 -9.26 26.31 19.82
C TRP B 97 -8.19 26.28 20.94
N ASP B 98 -8.32 25.35 21.87
CA ASP B 98 -7.49 25.33 23.07
C ASP B 98 -7.26 23.91 23.57
N LYS B 99 -6.14 23.71 24.24
CA LYS B 99 -5.83 22.42 24.85
C LYS B 99 -6.67 22.28 26.12
N VAL B 100 -7.91 21.85 25.94
CA VAL B 100 -8.88 21.74 27.04
C VAL B 100 -9.04 20.32 27.61
N LEU B 101 -8.62 19.31 26.85
CA LEU B 101 -8.81 17.91 27.25
C LEU B 101 -7.46 17.20 27.36
N PRO B 102 -7.37 16.21 28.27
CA PRO B 102 -6.10 15.53 28.51
C PRO B 102 -5.55 14.86 27.25
N SER B 103 -4.31 15.20 26.90
CA SER B 103 -3.64 14.69 25.72
C SER B 103 -2.15 14.50 25.98
N GLY B 104 -1.56 13.49 25.35
CA GLY B 104 -0.15 13.14 25.54
C GLY B 104 0.17 11.71 25.17
N ILE B 105 1.46 11.39 25.13
CA ILE B 105 1.91 10.02 24.84
C ILE B 105 1.54 9.08 25.99
N GLY B 106 1.36 7.81 25.67
CA GLY B 106 0.91 6.80 26.63
C GLY B 106 -0.60 6.78 26.69
N HIS B 107 -1.16 5.93 27.54
CA HIS B 107 -2.60 5.94 27.83
C HIS B 107 -2.93 7.12 28.72
N ILE B 108 -3.79 8.03 28.25
CA ILE B 108 -4.10 9.29 28.95
C ILE B 108 -5.59 9.34 29.31
N THR B 109 -6.46 9.45 28.33
CA THR B 109 -7.89 9.67 28.58
C THR B 109 -8.51 8.44 29.26
N ASN B 110 -8.72 8.55 30.58
CA ASN B 110 -9.13 7.42 31.43
C ASN B 110 -10.51 7.65 32.06
N CYS B 111 -11.38 8.35 31.34
CA CYS B 111 -12.80 8.43 31.63
C CYS B 111 -13.46 8.94 30.36
N PHE B 112 -14.78 9.07 30.38
CA PHE B 112 -15.52 9.62 29.25
C PHE B 112 -15.80 11.10 29.50
N LEU B 113 -15.72 11.89 28.44
CA LEU B 113 -15.87 13.34 28.55
C LEU B 113 -16.89 13.87 27.55
N SER B 114 -18.05 14.30 28.07
CA SER B 114 -19.02 15.07 27.28
C SER B 114 -18.44 16.45 27.04
N VAL B 115 -18.69 17.03 25.87
CA VAL B 115 -18.39 18.43 25.62
C VAL B 115 -19.63 19.07 24.99
N GLU B 116 -20.17 20.07 25.68
CA GLU B 116 -21.39 20.76 25.26
C GLU B 116 -21.15 22.26 25.21
N GLY B 117 -22.05 22.96 24.52
CA GLY B 117 -22.07 24.42 24.55
C GLY B 117 -22.65 24.93 25.85
N THR B 118 -22.23 26.13 26.25
CA THR B 118 -22.89 26.86 27.33
C THR B 118 -23.04 28.32 26.93
N ASP B 119 -24.09 28.96 27.44
CA ASP B 119 -24.37 30.36 27.14
C ASP B 119 -23.43 31.28 27.91
N GLY B 120 -22.97 30.82 29.08
CA GLY B 120 -21.98 31.57 29.87
C GLY B 120 -20.68 31.76 29.12
N ASP B 121 -19.94 32.81 29.49
CA ASP B 121 -18.68 33.14 28.81
C ASP B 121 -17.44 32.45 29.39
N LYS B 122 -17.60 31.64 30.43
CA LYS B 122 -16.51 30.84 31.00
C LYS B 122 -16.81 29.34 30.91
N ALA B 123 -15.74 28.55 30.73
CA ALA B 123 -15.85 27.10 30.66
C ALA B 123 -15.91 26.50 32.05
N TYR B 124 -16.49 25.30 32.16
CA TYR B 124 -16.54 24.59 33.44
C TYR B 124 -16.80 23.10 33.24
N LEU B 125 -16.72 22.35 34.34
CA LEU B 125 -17.02 20.91 34.34
C LEU B 125 -17.96 20.53 35.47
N MET B 126 -18.68 19.42 35.27
CA MET B 126 -19.57 18.88 36.29
C MET B 126 -19.37 17.37 36.34
N THR B 127 -19.44 16.83 37.55
CA THR B 127 -19.21 15.40 37.79
C THR B 127 -20.48 14.73 38.28
N GLU B 128 -20.65 13.44 38.01
CA GLU B 128 -21.86 12.74 38.54
C GLU B 128 -21.79 12.78 40.07
N GLY B 129 -22.75 13.32 40.80
CA GLY B 129 -24.02 13.91 40.37
C GLY B 129 -23.93 15.16 41.22
N SER B 130 -23.51 16.26 40.58
CA SER B 130 -23.06 17.48 41.24
C SER B 130 -23.54 18.70 40.46
N ASP B 131 -24.13 19.66 41.17
CA ASP B 131 -24.51 20.95 40.59
C ASP B 131 -23.27 21.80 40.34
N GLU B 132 -22.25 21.62 41.20
CA GLU B 132 -21.05 22.46 41.23
C GLU B 132 -20.39 22.61 39.86
N LYS B 133 -20.34 23.84 39.37
CA LYS B 133 -19.59 24.17 38.15
C LYS B 133 -18.13 24.32 38.52
N LYS B 134 -17.38 23.22 38.43
CA LYS B 134 -15.97 23.19 38.80
C LYS B 134 -15.13 23.78 37.67
N SER B 135 -13.92 24.22 38.01
CA SER B 135 -13.03 24.86 37.04
C SER B 135 -12.63 23.86 35.98
N VAL B 136 -12.60 24.29 34.72
CA VAL B 136 -12.15 23.41 33.63
C VAL B 136 -10.69 23.00 33.83
N LYS B 137 -9.92 23.79 34.61
CA LYS B 137 -8.55 23.43 34.96
C LYS B 137 -8.41 22.23 35.91
N THR B 138 -9.50 21.74 36.50
CA THR B 138 -9.44 20.51 37.31
C THR B 138 -9.38 19.22 36.47
N VAL B 139 -9.65 19.27 35.15
CA VAL B 139 -9.82 18.04 34.31
C VAL B 139 -8.88 16.88 34.62
N ASN B 140 -7.57 17.17 34.62
CA ASN B 140 -6.54 16.13 34.74
C ASN B 140 -6.73 15.21 35.95
N GLN B 141 -7.16 15.76 37.07
CA GLN B 141 -7.40 14.97 38.28
C GLN B 141 -8.48 13.91 38.09
N LEU B 142 -9.43 14.15 37.19
CA LEU B 142 -10.54 13.25 36.90
C LEU B 142 -10.35 12.35 35.68
N ALA B 143 -9.67 12.88 34.65
CA ALA B 143 -9.62 12.23 33.33
C ALA B 143 -8.24 11.82 32.80
N HIS B 144 -7.15 12.27 33.42
CA HIS B 144 -5.78 12.03 32.91
C HIS B 144 -5.12 10.96 33.80
N ALA B 145 -4.90 9.76 33.24
CA ALA B 145 -4.36 8.59 33.94
C ALA B 145 -2.94 8.63 34.47
N LEU B 146 -2.12 9.57 34.05
CA LEU B 146 -0.92 9.87 34.84
C LEU B 146 -1.16 10.73 36.11
N HIS B 147 -2.31 11.40 36.23
CA HIS B 147 -2.61 12.21 37.40
C HIS B 147 -3.45 11.46 38.46
N MET B 148 -4.49 10.77 38.01
CA MET B 148 -5.70 10.53 38.84
C MET B 148 -5.61 10.20 40.33
N ASP B 149 -6.40 10.95 41.09
CA ASP B 149 -6.46 10.82 42.55
C ASP B 149 -7.15 9.51 42.93
N LYS B 150 -6.65 8.91 44.00
CA LYS B 150 -7.31 7.83 44.79
C LYS B 150 -8.84 7.48 44.61
N ASP B 151 -9.06 6.78 43.51
CA ASP B 151 -10.26 5.89 43.34
C ASP B 151 -11.77 6.42 43.45
N LEU B 152 -12.41 6.84 42.36
CA LEU B 152 -12.08 6.69 40.93
C LEU B 152 -12.45 5.31 40.35
N LYS B 153 -12.45 5.29 39.02
CA LYS B 153 -12.92 4.18 38.17
C LYS B 153 -14.44 4.22 38.05
N ALA B 154 -15.14 3.11 38.29
CA ALA B 154 -16.54 2.88 37.90
C ALA B 154 -16.86 2.95 36.40
N GLY B 155 -15.91 3.40 35.56
CA GLY B 155 -16.21 3.77 34.15
C GLY B 155 -17.17 4.95 33.90
N CYS B 156 -16.69 6.17 34.13
CA CYS B 156 -17.55 7.29 34.55
C CYS B 156 -17.51 8.42 33.52
N LEU B 157 -18.24 9.49 33.82
CA LEU B 157 -18.50 10.57 32.89
C LEU B 157 -18.21 11.90 33.56
N VAL B 158 -17.45 12.76 32.89
CA VAL B 158 -17.25 14.15 33.29
C VAL B 158 -17.79 15.02 32.17
N ARG B 159 -18.68 15.95 32.50
CA ARG B 159 -19.30 16.81 31.49
C ARG B 159 -18.59 18.14 31.43
N VAL B 160 -17.97 18.42 30.29
CA VAL B 160 -17.32 19.70 30.05
C VAL B 160 -18.30 20.61 29.32
N PHE B 161 -18.31 21.87 29.71
CA PHE B 161 -19.13 22.89 29.07
C PHE B 161 -18.19 23.97 28.57
N TRP B 162 -18.28 24.25 27.26
CA TRP B 162 -17.43 25.24 26.61
C TRP B 162 -18.32 26.37 26.11
N PRO B 163 -17.88 27.64 26.23
CA PRO B 163 -18.74 28.75 25.80
C PRO B 163 -19.07 28.71 24.31
N LYS B 164 -20.35 28.86 23.98
CA LYS B 164 -20.81 28.87 22.57
C LYS B 164 -20.24 30.05 21.78
N ALA B 165 -20.04 31.19 22.46
CA ALA B 165 -19.38 32.36 21.89
C ALA B 165 -18.05 32.03 21.20
N LYS B 166 -17.26 31.16 21.83
CA LYS B 166 -15.99 30.69 21.29
C LYS B 166 -15.97 29.62 20.19
N CYS B 167 -16.88 28.66 20.18
CA CYS B 167 -16.81 27.56 19.21
C CYS B 167 -18.18 27.41 18.60
N ALA B 168 -18.34 27.87 17.35
CA ALA B 168 -19.62 27.79 16.61
C ALA B 168 -20.35 26.45 16.74
N LEU B 169 -19.63 25.35 16.56
CA LEU B 169 -20.23 24.02 16.42
C LEU B 169 -21.13 23.59 17.60
N LEU B 170 -20.82 24.04 18.82
CA LEU B 170 -21.54 23.57 20.01
C LEU B 170 -22.98 24.09 20.16
N ARG B 171 -23.30 25.18 19.48
CA ARG B 171 -24.54 25.92 19.72
C ARG B 171 -25.84 25.12 19.58
N ASP B 172 -25.81 23.92 19.01
CA ASP B 172 -27.02 23.14 18.92
C ASP B 172 -27.21 22.38 20.24
N ASP B 173 -28.03 21.34 20.22
CA ASP B 173 -28.02 20.27 21.26
C ASP B 173 -26.92 19.21 20.95
N LEU B 174 -25.74 19.68 20.55
CA LEU B 174 -24.63 18.83 20.16
C LEU B 174 -23.87 18.40 21.40
N VAL B 175 -23.47 17.13 21.43
CA VAL B 175 -22.63 16.60 22.50
C VAL B 175 -21.47 15.81 21.89
N LEU B 176 -20.25 16.31 22.06
CA LEU B 176 -19.04 15.58 21.65
C LEU B 176 -18.59 14.68 22.79
N VAL B 177 -18.06 13.50 22.46
CA VAL B 177 -17.60 12.53 23.46
C VAL B 177 -16.18 12.06 23.18
N ASP B 178 -15.22 12.46 24.03
CA ASP B 178 -13.86 11.91 24.02
C ASP B 178 -13.91 10.64 24.86
N SER B 179 -13.29 9.57 24.35
CA SER B 179 -13.29 8.27 25.03
C SER B 179 -11.85 7.78 25.23
N PRO B 180 -11.67 6.69 26.00
CA PRO B 180 -10.37 6.03 26.04
C PRO B 180 -10.06 5.27 24.75
N GLY B 181 -8.82 4.79 24.67
CA GLY B 181 -8.38 4.00 23.54
C GLY B 181 -9.11 2.67 23.49
N THR B 182 -9.44 2.23 22.28
CA THR B 182 -10.01 0.91 22.10
C THR B 182 -8.95 -0.18 22.30
N ASP B 183 -9.42 -1.35 22.70
CA ASP B 183 -8.61 -2.55 22.85
C ASP B 183 -7.51 -2.44 23.91
N VAL B 184 -7.69 -1.61 24.93
CA VAL B 184 -6.71 -1.49 26.03
C VAL B 184 -7.01 -2.51 27.12
N THR B 185 -8.26 -2.52 27.60
CA THR B 185 -8.75 -3.57 28.51
C THR B 185 -10.21 -3.92 28.17
N THR B 186 -10.63 -5.12 28.55
CA THR B 186 -11.98 -5.60 28.29
C THR B 186 -13.03 -4.69 28.91
N GLU B 187 -12.79 -4.29 30.16
CA GLU B 187 -13.74 -3.45 30.89
C GLU B 187 -13.85 -2.09 30.23
N LEU B 188 -12.71 -1.48 29.87
CA LEU B 188 -12.75 -0.20 29.13
C LEU B 188 -13.54 -0.32 27.83
N ASP B 189 -13.37 -1.44 27.14
CA ASP B 189 -14.12 -1.69 25.91
C ASP B 189 -15.62 -1.78 26.16
N SER B 190 -16.02 -2.47 27.23
CA SER B 190 -17.45 -2.60 27.56
C SER B 190 -18.07 -1.24 27.91
N TRP B 191 -17.29 -0.37 28.56
CA TRP B 191 -17.73 1.00 28.81
C TRP B 191 -17.79 1.82 27.51
N ILE B 192 -16.80 1.63 26.63
CA ILE B 192 -16.81 2.31 25.31
C ILE B 192 -18.07 1.92 24.52
N ASP B 193 -18.53 0.68 24.65
CA ASP B 193 -19.81 0.27 24.06
C ASP B 193 -20.95 1.03 24.74
N LYS B 194 -21.05 0.91 26.06
CA LYS B 194 -22.15 1.54 26.81
C LYS B 194 -22.32 3.03 26.47
N PHE B 195 -21.21 3.76 26.43
CA PHE B 195 -21.23 5.19 26.13
C PHE B 195 -21.37 5.50 24.63
N CYS B 196 -20.49 4.93 23.80
CA CYS B 196 -20.34 5.39 22.40
C CYS B 196 -21.14 4.63 21.32
N LEU B 197 -21.51 3.38 21.58
CA LEU B 197 -22.17 2.53 20.55
C LEU B 197 -23.40 3.16 19.88
N ASP B 198 -24.20 3.85 20.66
CA ASP B 198 -25.44 4.48 20.18
C ASP B 198 -25.26 5.92 19.67
N ALA B 199 -24.04 6.34 19.38
CA ALA B 199 -23.78 7.68 18.86
C ALA B 199 -24.44 7.88 17.50
N ASP B 200 -24.88 9.11 17.25
CA ASP B 200 -25.49 9.46 15.97
C ASP B 200 -24.41 9.58 14.89
N VAL B 201 -23.26 10.13 15.25
CA VAL B 201 -22.13 10.27 14.34
C VAL B 201 -20.84 9.81 15.04
N PHE B 202 -19.97 9.16 14.28
CA PHE B 202 -18.66 8.73 14.77
C PHE B 202 -17.57 9.46 14.02
N VAL B 203 -16.55 9.91 14.76
CA VAL B 203 -15.32 10.39 14.16
C VAL B 203 -14.25 9.35 14.49
N LEU B 204 -13.92 8.54 13.49
CA LEU B 204 -12.84 7.56 13.61
C LEU B 204 -11.54 8.31 13.39
N VAL B 205 -10.78 8.49 14.47
CA VAL B 205 -9.44 9.09 14.38
C VAL B 205 -8.45 7.95 14.16
N ALA B 206 -7.97 7.85 12.91
CA ALA B 206 -7.02 6.81 12.51
C ALA B 206 -5.62 7.38 12.55
N ASN B 207 -4.65 6.51 12.81
CA ASN B 207 -3.24 6.93 12.83
C ASN B 207 -2.64 6.75 11.44
N SER B 208 -2.47 7.87 10.74
CA SER B 208 -1.95 7.86 9.37
C SER B 208 -0.48 7.43 9.22
N GLU B 209 0.29 7.37 10.32
CA GLU B 209 1.61 6.73 10.29
C GLU B 209 1.49 5.20 10.12
N SER B 210 0.39 4.65 10.63
CA SER B 210 0.11 3.22 10.59
C SER B 210 -0.98 2.95 9.53
N THR B 211 -1.67 1.82 9.64
CA THR B 211 -2.88 1.54 8.86
C THR B 211 -4.00 1.00 9.74
N LEU B 212 -5.22 0.94 9.20
CA LEU B 212 -6.40 0.51 9.98
C LEU B 212 -6.33 -0.96 10.39
N MET B 213 -6.47 -1.20 11.70
CA MET B 213 -6.52 -2.56 12.25
C MET B 213 -7.95 -3.08 12.30
N ASN B 214 -8.10 -4.39 12.42
CA ASN B 214 -9.42 -5.00 12.47
C ASN B 214 -10.17 -4.74 13.78
N THR B 215 -9.46 -4.65 14.91
CA THR B 215 -10.12 -4.28 16.18
C THR B 215 -10.77 -2.91 16.10
N GLU B 216 -10.16 -1.99 15.35
CA GLU B 216 -10.74 -0.68 15.12
C GLU B 216 -12.02 -0.79 14.29
N LYS B 217 -11.96 -1.59 13.23
CA LYS B 217 -13.13 -1.81 12.36
C LYS B 217 -14.25 -2.56 13.09
N HIS B 218 -13.89 -3.55 13.91
CA HIS B 218 -14.86 -4.43 14.59
C HIS B 218 -15.92 -3.67 15.39
N PHE B 219 -15.50 -2.57 16.03
CA PHE B 219 -16.42 -1.69 16.75
C PHE B 219 -17.60 -1.25 15.89
N PHE B 220 -17.31 -0.79 14.68
CA PHE B 220 -18.33 -0.26 13.77
C PHE B 220 -19.23 -1.36 13.17
N HIS B 221 -18.66 -2.57 13.00
CA HIS B 221 -19.48 -3.74 12.71
C HIS B 221 -20.42 -4.04 13.87
N LYS B 222 -19.94 -3.84 15.10
CA LYS B 222 -20.76 -4.03 16.29
C LYS B 222 -21.90 -3.02 16.36
N VAL B 223 -21.61 -1.76 16.02
CA VAL B 223 -22.66 -0.72 15.89
C VAL B 223 -23.76 -1.20 14.93
N ASN B 224 -23.35 -1.75 13.79
CA ASN B 224 -24.29 -2.26 12.77
C ASN B 224 -25.06 -3.47 13.26
N GLU B 225 -24.37 -4.40 13.90
CA GLU B 225 -25.00 -5.60 14.50
C GLU B 225 -26.08 -5.23 15.52
N ARG B 226 -25.85 -4.17 16.30
CA ARG B 226 -26.75 -3.79 17.40
C ARG B 226 -27.79 -2.73 17.03
N LEU B 227 -27.48 -1.87 16.07
CA LEU B 227 -28.32 -0.72 15.73
C LEU B 227 -28.63 -0.31 14.27
N SER B 228 -27.64 0.22 13.56
CA SER B 228 -27.84 0.66 12.19
C SER B 228 -26.44 0.90 11.66
N LYS B 229 -26.31 0.99 10.34
CA LYS B 229 -25.04 1.28 9.71
C LYS B 229 -24.58 2.68 10.15
N PRO B 230 -23.35 2.78 10.72
CA PRO B 230 -22.90 4.02 11.36
C PRO B 230 -22.50 5.17 10.43
N ASN B 231 -22.95 6.40 10.77
CA ASN B 231 -22.43 7.61 10.15
C ASN B 231 -21.03 7.81 10.68
N ILE B 232 -20.07 7.85 9.77
CA ILE B 232 -18.65 7.73 10.11
C ILE B 232 -17.85 8.73 9.30
N PHE B 233 -17.10 9.58 10.03
CA PHE B 233 -16.06 10.40 9.43
C PHE B 233 -14.74 9.73 9.80
N ILE B 234 -13.82 9.61 8.84
CA ILE B 234 -12.49 9.06 9.12
C ILE B 234 -11.48 10.19 8.99
N LEU B 235 -10.78 10.49 10.10
CA LEU B 235 -9.70 11.45 10.11
C LEU B 235 -8.39 10.67 10.19
N ASN B 236 -7.64 10.64 9.10
CA ASN B 236 -6.30 10.10 9.09
C ASN B 236 -5.42 11.18 9.69
N ASN B 237 -5.22 11.08 11.01
CA ASN B 237 -4.56 12.11 11.80
C ASN B 237 -3.08 11.76 11.75
N ARG B 238 -2.21 12.72 12.12
CA ARG B 238 -0.76 12.56 12.11
C ARG B 238 -0.15 12.62 10.71
N TRP B 239 -0.91 13.15 9.75
CA TRP B 239 -0.50 13.21 8.35
C TRP B 239 0.75 14.07 8.11
N ASP B 240 1.05 14.99 9.01
CA ASP B 240 2.35 15.68 9.02
C ASP B 240 3.58 14.74 8.97
N ALA B 241 3.41 13.50 9.43
CA ALA B 241 4.40 12.43 9.24
C ALA B 241 4.85 12.24 7.78
N SER B 242 3.94 12.44 6.83
CA SER B 242 4.28 12.31 5.40
C SER B 242 5.20 13.41 4.83
N ALA B 243 5.51 14.44 5.62
CA ALA B 243 6.60 15.38 5.29
C ALA B 243 7.99 14.70 5.24
N SER B 244 8.21 13.71 6.11
CA SER B 244 9.47 13.02 6.22
C SER B 244 9.85 12.10 5.07
N GLU B 245 8.87 11.56 4.35
CA GLU B 245 9.12 10.60 3.25
C GLU B 245 8.38 10.95 1.93
N PRO B 246 8.61 12.17 1.39
CA PRO B 246 7.77 12.74 0.31
C PRO B 246 7.69 11.94 -1.00
N GLU B 247 8.74 11.17 -1.30
CA GLU B 247 8.79 10.36 -2.54
C GLU B 247 7.70 9.29 -2.63
N TYR B 248 7.08 8.93 -1.49
CA TYR B 248 5.92 8.04 -1.45
C TYR B 248 4.62 8.65 -0.90
N MET B 249 4.63 9.93 -0.55
CA MET B 249 3.45 10.58 0.07
C MET B 249 2.15 10.24 -0.66
N GLU B 250 2.13 10.44 -1.96
CA GLU B 250 0.96 10.19 -2.78
C GLU B 250 0.55 8.72 -2.80
N ASP B 251 1.54 7.83 -2.77
CA ASP B 251 1.30 6.38 -2.72
C ASP B 251 0.73 5.92 -1.39
N VAL B 252 1.22 6.52 -0.30
CA VAL B 252 0.73 6.22 1.05
C VAL B 252 -0.69 6.76 1.21
N ARG B 253 -0.89 8.00 0.76
CA ARG B 253 -2.22 8.62 0.74
C ARG B 253 -3.22 7.75 -0.03
N ARG B 254 -2.80 7.27 -1.20
CA ARG B 254 -3.61 6.35 -2.02
C ARG B 254 -3.93 5.06 -1.26
N GLN B 255 -2.95 4.52 -0.54
CA GLN B 255 -3.16 3.30 0.24
C GLN B 255 -4.25 3.51 1.28
N HIS B 256 -4.14 4.57 2.07
CA HIS B 256 -5.14 4.88 3.09
C HIS B 256 -6.51 5.11 2.48
N MET B 257 -6.56 5.96 1.47
CA MET B 257 -7.83 6.28 0.81
C MET B 257 -8.50 4.99 0.29
N GLU B 258 -7.75 4.10 -0.34
CA GLU B 258 -8.30 2.84 -0.85
C GLU B 258 -8.80 1.93 0.28
N ARG B 259 -8.05 1.84 1.36
CA ARG B 259 -8.43 1.00 2.51
C ARG B 259 -9.66 1.53 3.24
N CYS B 260 -9.67 2.84 3.51
CA CYS B 260 -10.82 3.51 4.14
C CYS B 260 -12.08 3.41 3.27
N LEU B 261 -11.92 3.62 1.96
CA LEU B 261 -13.01 3.43 1.00
C LEU B 261 -13.55 2.01 1.06
N HIS B 262 -12.67 1.02 1.02
CA HIS B 262 -13.07 -0.37 1.12
C HIS B 262 -13.82 -0.68 2.43
N PHE B 263 -13.39 -0.06 3.51
CA PHE B 263 -14.05 -0.22 4.81
C PHE B 263 -15.48 0.31 4.80
N LEU B 264 -15.67 1.55 4.36
CA LEU B 264 -17.00 2.17 4.34
C LEU B 264 -17.91 1.58 3.26
N VAL B 265 -17.36 1.32 2.09
CA VAL B 265 -18.14 0.99 0.89
C VAL B 265 -18.37 -0.51 0.73
N GLU B 266 -17.32 -1.32 0.88
CA GLU B 266 -17.41 -2.77 0.68
C GLU B 266 -17.69 -3.55 1.96
N GLU B 267 -16.99 -3.21 3.05
CA GLU B 267 -17.11 -3.97 4.30
C GLU B 267 -18.37 -3.62 5.08
N LEU B 268 -18.52 -2.34 5.44
CA LEU B 268 -19.74 -1.86 6.14
C LEU B 268 -20.92 -1.72 5.18
N LYS B 269 -20.65 -1.38 3.92
CA LYS B 269 -21.69 -1.09 2.94
C LYS B 269 -22.65 -0.03 3.47
N VAL B 270 -22.08 1.04 4.02
CA VAL B 270 -22.86 2.15 4.58
C VAL B 270 -23.03 3.30 3.58
N VAL B 271 -22.14 3.39 2.59
CA VAL B 271 -22.06 4.56 1.72
C VAL B 271 -21.43 4.14 0.38
N ASN B 272 -21.76 4.83 -0.72
CA ASN B 272 -21.12 4.56 -2.00
C ASN B 272 -19.77 5.28 -2.09
N ALA B 273 -18.96 4.95 -3.10
CA ALA B 273 -17.61 5.52 -3.21
C ALA B 273 -17.57 7.05 -3.29
N LEU B 274 -18.54 7.64 -3.98
CA LEU B 274 -18.64 9.10 -4.14
C LEU B 274 -18.96 9.82 -2.82
N GLU B 275 -19.85 9.23 -2.03
CA GLU B 275 -20.17 9.74 -0.68
C GLU B 275 -18.95 9.63 0.24
N ALA B 276 -18.32 8.45 0.23
CA ALA B 276 -17.14 8.18 1.05
C ALA B 276 -15.99 9.17 0.82
N GLN B 277 -15.86 9.68 -0.40
CA GLN B 277 -14.89 10.74 -0.71
C GLN B 277 -14.95 11.87 0.32
N ASN B 278 -16.17 12.31 0.64
CA ASN B 278 -16.40 13.44 1.56
C ASN B 278 -16.51 13.04 3.04
N ARG B 279 -16.11 11.80 3.37
CA ARG B 279 -16.01 11.33 4.75
C ARG B 279 -14.58 11.01 5.20
N ILE B 280 -13.62 10.99 4.28
CA ILE B 280 -12.23 10.61 4.58
C ILE B 280 -11.32 11.83 4.42
N PHE B 281 -10.51 12.10 5.43
CA PHE B 281 -9.63 13.27 5.47
C PHE B 281 -8.23 12.92 5.96
N PHE B 282 -7.29 13.79 5.64
CA PHE B 282 -5.90 13.66 6.00
C PHE B 282 -5.46 14.96 6.66
N VAL B 283 -5.15 14.89 7.96
CA VAL B 283 -5.00 16.08 8.78
C VAL B 283 -3.96 15.91 9.87
N SER B 284 -3.56 17.03 10.48
CA SER B 284 -2.74 17.03 11.68
C SER B 284 -3.40 17.89 12.74
N ALA B 285 -4.13 17.24 13.65
CA ALA B 285 -4.74 17.93 14.79
C ALA B 285 -3.72 18.79 15.52
N LYS B 286 -2.55 18.22 15.80
CA LYS B 286 -1.45 18.91 16.46
C LYS B 286 -1.12 20.26 15.80
N GLU B 287 -0.98 20.25 14.47
CA GLU B 287 -0.70 21.46 13.70
C GLU B 287 -1.84 22.48 13.81
N VAL B 288 -3.07 22.00 13.64
CA VAL B 288 -4.26 22.87 13.65
C VAL B 288 -4.41 23.52 15.04
N LEU B 289 -4.26 22.74 16.09
CA LEU B 289 -4.32 23.24 17.47
C LEU B 289 -3.24 24.28 17.73
N SER B 290 -2.00 23.95 17.35
CA SER B 290 -0.86 24.84 17.50
C SER B 290 -1.07 26.19 16.80
N ALA B 291 -1.60 26.14 15.57
CA ALA B 291 -1.86 27.36 14.79
C ALA B 291 -2.99 28.20 15.36
N ARG B 292 -4.06 27.53 15.78
CA ARG B 292 -5.23 28.19 16.37
C ARG B 292 -4.95 28.80 17.74
N LYS B 293 -4.26 28.04 18.60
CA LYS B 293 -3.88 28.53 19.93
C LYS B 293 -2.86 29.69 19.89
N GLN B 294 -2.27 29.91 18.71
CA GLN B 294 -1.54 31.14 18.41
C GLN B 294 -2.55 32.22 17.95
N LYS B 295 -3.51 32.61 18.78
CA LYS B 295 -4.15 33.92 18.63
C LYS B 295 -3.78 34.96 19.70
N ALA B 296 -3.56 34.65 20.98
CA ALA B 296 -3.82 33.38 21.66
C ALA B 296 -5.33 33.12 21.81
N VAL B 304 9.60 30.82 12.90
CA VAL B 304 9.10 31.22 11.58
C VAL B 304 8.79 30.00 10.70
N ALA B 305 9.64 28.97 10.74
CA ALA B 305 9.56 27.84 9.80
C ALA B 305 8.49 26.83 10.22
N LEU B 306 7.49 26.64 9.35
CA LEU B 306 6.44 25.60 9.49
C LEU B 306 6.64 24.52 8.42
N ALA B 307 6.29 23.27 8.75
CA ALA B 307 6.27 22.15 7.79
C ALA B 307 5.40 22.46 6.56
N GLU B 308 5.77 21.90 5.42
CA GLU B 308 4.85 21.80 4.27
C GLU B 308 4.24 20.42 4.37
N GLY B 309 3.07 20.11 3.83
CA GLY B 309 2.02 20.97 3.40
C GLY B 309 1.08 21.19 4.56
N PHE B 310 1.56 21.98 5.52
CA PHE B 310 0.74 22.42 6.67
C PHE B 310 -0.58 23.04 6.22
N HIS B 311 -0.51 23.92 5.22
CA HIS B 311 -1.68 24.64 4.72
C HIS B 311 -2.72 23.71 4.09
N ALA B 312 -2.27 22.70 3.37
CA ALA B 312 -3.17 21.69 2.81
C ALA B 312 -3.90 20.92 3.92
N ARG B 313 -3.13 20.44 4.90
CA ARG B 313 -3.69 19.70 6.04
C ARG B 313 -4.63 20.55 6.89
N LEU B 314 -4.35 21.84 6.97
CA LEU B 314 -5.25 22.80 7.62
C LEU B 314 -6.55 22.96 6.84
N GLN B 315 -6.46 23.14 5.54
CA GLN B 315 -7.64 23.31 4.69
C GLN B 315 -8.55 22.08 4.70
N GLU B 316 -7.96 20.89 4.85
CA GLU B 316 -8.76 19.67 4.96
C GLU B 316 -9.42 19.50 6.33
N PHE B 317 -8.76 19.96 7.39
CA PHE B 317 -9.40 19.99 8.71
C PHE B 317 -10.60 20.92 8.68
N GLN B 318 -10.42 22.07 8.02
CA GLN B 318 -11.50 23.04 7.82
C GLN B 318 -12.66 22.47 7.00
N ASN B 319 -12.34 21.71 5.95
CA ASN B 319 -13.38 21.02 5.16
C ASN B 319 -14.14 20.01 6.00
N PHE B 320 -13.41 19.24 6.82
CA PHE B 320 -14.03 18.32 7.77
C PHE B 320 -15.01 19.05 8.68
N GLU B 321 -14.58 20.16 9.24
CA GLU B 321 -15.44 20.97 10.13
C GLU B 321 -16.66 21.54 9.42
N GLN B 322 -16.49 21.95 8.16
CA GLN B 322 -17.60 22.49 7.36
C GLN B 322 -18.63 21.40 7.07
N ILE B 323 -18.16 20.23 6.62
CA ILE B 323 -19.03 19.11 6.27
C ILE B 323 -19.68 18.50 7.52
N PHE B 324 -18.90 18.42 8.60
CA PHE B 324 -19.39 17.97 9.90
C PHE B 324 -20.51 18.89 10.39
N GLU B 325 -20.32 20.20 10.30
CA GLU B 325 -21.37 21.18 10.66
C GLU B 325 -22.61 21.12 9.74
N GLU B 326 -22.40 20.86 8.46
CA GLU B 326 -23.50 20.78 7.49
C GLU B 326 -24.42 19.60 7.77
N CYS B 327 -23.84 18.47 8.18
CA CYS B 327 -24.63 17.39 8.74
C CYS B 327 -25.48 17.24 10.04
N ILE B 328 -25.19 17.94 11.12
CA ILE B 328 -25.83 17.70 12.44
C ILE B 328 -26.51 19.11 12.62
N SER B 329 -26.47 20.03 11.64
CA SER B 329 -27.38 21.18 11.62
C SER B 329 -28.32 21.12 10.40
N GLN B 330 -27.87 21.59 9.22
CA GLN B 330 -28.74 21.61 8.02
C GLN B 330 -29.38 20.26 7.75
N SER B 331 -28.57 19.21 7.69
CA SER B 331 -29.04 17.85 7.40
C SER B 331 -29.22 17.02 8.67
N ALA B 332 -29.66 17.66 9.76
CA ALA B 332 -29.86 16.96 11.04
C ALA B 332 -30.99 15.93 10.99
N VAL B 333 -31.99 16.19 10.16
CA VAL B 333 -33.08 15.23 9.91
C VAL B 333 -32.49 13.98 9.29
N LYS B 334 -31.66 14.17 8.26
CA LYS B 334 -30.96 13.07 7.60
C LYS B 334 -30.05 12.35 8.58
N THR B 335 -29.17 13.08 9.21
CA THR B 335 -28.14 12.55 10.15
C THR B 335 -28.74 11.75 11.29
N LYS B 336 -29.80 12.28 11.89
CA LYS B 336 -30.44 11.63 13.03
C LYS B 336 -31.25 10.39 12.63
N PHE B 337 -31.99 10.47 11.51
CA PHE B 337 -33.02 9.49 11.19
C PHE B 337 -32.74 8.52 10.04
N GLU B 338 -32.10 8.98 8.96
CA GLU B 338 -32.00 8.20 7.71
C GLU B 338 -31.56 6.76 7.88
N GLN B 339 -30.39 6.54 8.47
CA GLN B 339 -29.85 5.19 8.64
C GLN B 339 -30.75 4.24 9.42
N HIS B 340 -31.45 4.77 10.42
CA HIS B 340 -32.45 4.00 11.16
C HIS B 340 -33.67 3.64 10.32
N THR B 341 -34.10 4.55 9.45
CA THR B 341 -35.23 4.27 8.55
C THR B 341 -34.83 3.21 7.50
N ILE B 342 -33.58 3.27 7.02
CA ILE B 342 -33.07 2.27 6.07
C ILE B 342 -33.07 0.89 6.73
N ARG B 343 -32.51 0.81 7.94
CA ARG B 343 -32.51 -0.44 8.71
C ARG B 343 -33.96 -0.91 8.96
N ALA B 344 -34.87 0.02 9.23
CA ALA B 344 -36.29 -0.33 9.38
C ALA B 344 -36.84 -1.04 8.12
N LYS B 345 -36.52 -0.49 6.95
CA LYS B 345 -36.94 -1.07 5.67
C LYS B 345 -36.34 -2.46 5.50
N GLN B 346 -35.05 -2.60 5.83
CA GLN B 346 -34.36 -3.89 5.75
C GLN B 346 -34.99 -4.93 6.65
N ILE B 347 -35.25 -4.57 7.91
CA ILE B 347 -35.86 -5.54 8.85
C ILE B 347 -37.22 -5.97 8.37
N LEU B 348 -38.07 -5.02 7.97
CA LEU B 348 -39.39 -5.34 7.40
C LEU B 348 -39.34 -6.31 6.23
N ALA B 349 -38.38 -6.10 5.32
CA ALA B 349 -38.17 -6.99 4.18
C ALA B 349 -37.90 -8.42 4.62
N THR B 350 -37.00 -8.58 5.58
CA THR B 350 -36.68 -9.90 6.14
C THR B 350 -37.85 -10.50 6.91
N VAL B 351 -38.63 -9.68 7.62
CA VAL B 351 -39.83 -10.17 8.31
C VAL B 351 -40.80 -10.75 7.28
N LYS B 352 -41.03 -10.00 6.20
CA LYS B 352 -41.85 -10.48 5.08
C LYS B 352 -41.39 -11.85 4.56
N ASN B 353 -40.09 -12.02 4.38
CA ASN B 353 -39.52 -13.31 3.96
C ASN B 353 -39.82 -14.42 4.95
N ILE B 354 -39.69 -14.12 6.24
CA ILE B 354 -39.97 -15.11 7.29
C ILE B 354 -41.43 -15.54 7.21
N MET B 355 -42.35 -14.58 7.10
CA MET B 355 -43.78 -14.87 7.01
C MET B 355 -44.13 -15.68 5.75
N ASP B 356 -43.48 -15.37 4.63
CA ASP B 356 -43.65 -16.16 3.39
C ASP B 356 -43.16 -17.59 3.59
N SER B 357 -41.97 -17.74 4.17
CA SER B 357 -41.39 -19.06 4.46
C SER B 357 -42.29 -19.91 5.34
N VAL B 358 -42.93 -19.30 6.36
CA VAL B 358 -43.89 -20.01 7.21
C VAL B 358 -45.13 -20.41 6.41
N ASN B 359 -45.64 -19.50 5.58
CA ASN B 359 -46.81 -19.77 4.75
C ASN B 359 -46.60 -20.98 3.82
N LEU B 360 -45.48 -20.97 3.09
CA LEU B 360 -45.17 -22.06 2.15
C LEU B 360 -44.88 -23.37 2.89
N ALA B 361 -44.12 -23.30 3.97
CA ALA B 361 -43.88 -24.46 4.85
C ALA B 361 -45.17 -25.12 5.31
N ALA B 362 -46.21 -24.30 5.56
CA ALA B 362 -47.53 -24.79 5.93
C ALA B 362 -48.21 -25.64 4.84
N GLU B 363 -47.98 -25.32 3.55
CA GLU B 363 -48.31 -26.31 2.50
C GLU B 363 -47.40 -27.53 2.65
N GLU B 381 -58.36 -31.18 12.39
CA GLU B 381 -57.08 -31.15 13.08
C GLU B 381 -56.06 -30.24 12.42
N ILE B 382 -55.95 -30.30 11.09
CA ILE B 382 -55.04 -29.42 10.31
C ILE B 382 -55.79 -28.11 9.80
N ASP B 383 -56.96 -27.83 10.38
CA ASP B 383 -57.52 -26.49 10.55
C ASP B 383 -56.50 -25.54 11.22
N GLN B 384 -55.83 -26.03 12.27
CA GLN B 384 -54.68 -25.35 12.87
C GLN B 384 -53.63 -24.86 11.87
N LEU B 385 -53.25 -25.73 10.93
CA LEU B 385 -52.25 -25.43 9.91
C LEU B 385 -52.64 -24.26 8.99
N GLU B 386 -53.89 -24.22 8.54
CA GLU B 386 -54.36 -23.08 7.70
C GLU B 386 -54.54 -21.79 8.50
N LYS B 387 -54.78 -21.92 9.81
CA LYS B 387 -54.81 -20.74 10.70
C LYS B 387 -53.44 -20.06 10.76
N ILE B 388 -52.35 -20.85 10.74
CA ILE B 388 -51.00 -20.31 10.67
C ILE B 388 -50.78 -19.59 9.32
N GLN B 389 -51.29 -20.17 8.24
CA GLN B 389 -51.24 -19.57 6.90
C GLN B 389 -51.91 -18.20 6.84
N ASN B 390 -53.12 -18.10 7.40
CA ASN B 390 -53.89 -16.86 7.43
C ASN B 390 -53.19 -15.79 8.27
N ASN B 391 -52.72 -16.20 9.44
CA ASN B 391 -51.93 -15.32 10.34
C ASN B 391 -50.68 -14.80 9.66
N SER B 392 -49.94 -15.68 8.99
CA SER B 392 -48.69 -15.28 8.34
C SER B 392 -48.94 -14.29 7.20
N LYS B 393 -50.00 -14.50 6.43
CA LYS B 393 -50.39 -13.56 5.37
C LYS B 393 -50.83 -12.19 5.90
N LEU B 394 -51.61 -12.19 6.99
CA LEU B 394 -52.10 -10.92 7.56
C LEU B 394 -50.96 -10.11 8.19
N LEU B 395 -50.04 -10.78 8.86
CA LEU B 395 -48.80 -10.15 9.36
C LEU B 395 -47.98 -9.57 8.21
N ARG B 396 -47.82 -10.37 7.14
CA ARG B 396 -47.11 -9.92 5.94
C ARG B 396 -47.65 -8.59 5.43
N ASN B 397 -48.97 -8.45 5.32
CA ASN B 397 -49.56 -7.23 4.74
C ASN B 397 -49.48 -6.04 5.71
N LYS B 398 -49.47 -6.30 7.02
CA LYS B 398 -49.15 -5.25 7.99
C LYS B 398 -47.73 -4.73 7.74
N ALA B 399 -46.80 -5.65 7.49
CA ALA B 399 -45.42 -5.29 7.14
C ALA B 399 -45.34 -4.42 5.88
N VAL B 400 -46.17 -4.71 4.88
CA VAL B 400 -46.19 -3.90 3.65
C VAL B 400 -46.81 -2.52 3.92
N GLN B 401 -47.80 -2.44 4.81
CA GLN B 401 -48.36 -1.15 5.20
C GLN B 401 -47.28 -0.26 5.82
N LEU B 402 -46.52 -0.84 6.74
CA LEU B 402 -45.42 -0.13 7.41
C LEU B 402 -44.31 0.27 6.45
N GLU B 403 -44.01 -0.60 5.48
CA GLU B 403 -43.05 -0.27 4.40
C GLU B 403 -43.48 0.97 3.63
N ASN B 404 -44.78 1.10 3.36
CA ASN B 404 -45.33 2.27 2.67
C ASN B 404 -45.26 3.52 3.54
N GLU B 405 -45.59 3.40 4.82
CA GLU B 405 -45.48 4.53 5.75
C GLU B 405 -44.03 5.03 5.87
N LEU B 406 -43.08 4.10 5.91
CA LEU B 406 -41.65 4.45 5.88
C LEU B 406 -41.23 5.09 4.56
N GLU B 407 -41.75 4.58 3.44
CA GLU B 407 -41.50 5.15 2.12
C GLU B 407 -42.06 6.58 2.01
N ASN B 408 -43.23 6.81 2.59
CA ASN B 408 -43.82 8.16 2.64
C ASN B 408 -42.96 9.10 3.47
N PHE B 409 -42.53 8.63 4.65
CA PHE B 409 -41.62 9.40 5.50
C PHE B 409 -40.35 9.79 4.73
N THR B 410 -39.76 8.83 4.04
CA THR B 410 -38.54 9.07 3.24
C THR B 410 -38.77 10.09 2.13
N LYS B 411 -39.93 10.05 1.48
CA LYS B 411 -40.29 11.05 0.45
C LYS B 411 -40.39 12.44 1.07
N GLN B 412 -41.27 12.57 2.06
CA GLN B 412 -41.57 13.88 2.66
C GLN B 412 -40.40 14.50 3.45
N PHE B 413 -39.50 13.68 4.03
CA PHE B 413 -38.45 14.19 4.91
C PHE B 413 -37.00 13.95 4.46
N LEU B 414 -36.75 13.24 3.37
CA LEU B 414 -35.38 12.85 2.97
C LEU B 414 -35.18 12.83 1.46
N PRO B 415 -35.35 13.98 0.75
CA PRO B 415 -35.22 13.94 -0.72
C PRO B 415 -33.77 13.85 -1.27
N SER B 416 -33.57 13.48 -2.54
CA SER B 416 -34.60 13.04 -3.50
C SER B 416 -34.45 11.56 -3.77
N SER C 6 4.01 36.86 -31.38
CA SER C 6 4.83 36.18 -30.34
C SER C 6 5.48 34.92 -30.93
N PRO C 7 6.43 34.29 -30.20
CA PRO C 7 6.98 33.00 -30.68
C PRO C 7 5.93 31.88 -30.72
N LEU C 8 5.15 31.74 -29.65
CA LEU C 8 4.13 30.69 -29.55
C LEU C 8 3.07 30.82 -30.64
N LYS C 9 2.60 32.04 -30.90
CA LYS C 9 1.55 32.26 -31.90
C LYS C 9 2.07 31.99 -33.32
N HIS C 10 3.31 32.41 -33.59
CA HIS C 10 3.99 32.10 -34.85
C HIS C 10 4.00 30.59 -35.10
N PHE C 11 4.29 29.82 -34.06
CA PHE C 11 4.27 28.35 -34.13
C PHE C 11 2.88 27.78 -34.42
N VAL C 12 1.86 28.26 -33.70
CA VAL C 12 0.50 27.71 -33.85
C VAL C 12 -0.08 28.03 -35.23
N LEU C 13 0.23 29.23 -35.74
CA LEU C 13 -0.11 29.60 -37.12
C LEU C 13 0.53 28.62 -38.10
N ALA C 14 1.85 28.44 -37.94
CA ALA C 14 2.63 27.51 -38.77
C ALA C 14 2.06 26.10 -38.73
N LYS C 15 1.71 25.61 -37.55
CA LYS C 15 1.17 24.25 -37.39
C LYS C 15 -0.16 24.09 -38.14
N LYS C 16 -1.07 25.04 -37.96
CA LYS C 16 -2.37 25.01 -38.64
C LYS C 16 -2.19 25.04 -40.17
N ALA C 17 -1.26 25.88 -40.64
CA ALA C 17 -0.92 25.97 -42.06
C ALA C 17 -0.43 24.64 -42.63
N ILE C 18 0.70 24.16 -42.10
CA ILE C 18 1.36 22.94 -42.59
C ILE C 18 0.50 21.68 -42.43
N THR C 19 -0.25 21.58 -41.32
CA THR C 19 -1.12 20.41 -41.10
C THR C 19 -2.22 20.39 -42.16
N ALA C 20 -2.77 21.57 -42.47
CA ALA C 20 -3.79 21.72 -43.51
C ALA C 20 -3.27 21.37 -44.89
N ILE C 21 -2.01 21.76 -45.18
CA ILE C 21 -1.36 21.40 -46.44
C ILE C 21 -1.20 19.88 -46.53
N PHE C 22 -0.72 19.28 -45.44
CA PHE C 22 -0.49 17.83 -45.39
C PHE C 22 -1.78 17.01 -45.50
N ASP C 23 -2.90 17.56 -45.04
CA ASP C 23 -4.20 16.92 -45.26
C ASP C 23 -4.44 16.80 -46.76
N GLN C 24 -4.30 17.92 -47.47
CA GLN C 24 -4.45 17.96 -48.93
C GLN C 24 -3.45 17.01 -49.62
N LEU C 25 -2.21 17.01 -49.14
CA LEU C 25 -1.16 16.11 -49.65
C LEU C 25 -1.57 14.65 -49.53
N LEU C 26 -2.01 14.26 -48.34
CA LEU C 26 -2.34 12.87 -48.06
C LEU C 26 -3.49 12.36 -48.91
N GLU C 27 -4.54 13.17 -49.08
CA GLU C 27 -5.64 12.82 -49.99
C GLU C 27 -5.16 12.73 -51.44
N PHE C 28 -4.29 13.64 -51.85
CA PHE C 28 -3.74 13.61 -53.21
C PHE C 28 -3.00 12.32 -53.51
N VAL C 29 -2.13 11.90 -52.60
CA VAL C 29 -1.28 10.72 -52.80
C VAL C 29 -2.09 9.43 -52.69
N THR C 30 -3.09 9.40 -51.81
CA THR C 30 -4.05 8.29 -51.75
C THR C 30 -4.80 8.11 -53.07
N GLU C 31 -5.21 9.23 -53.67
CA GLU C 31 -5.92 9.21 -54.96
C GLU C 31 -5.01 8.73 -56.09
N GLY C 32 -3.81 9.32 -56.17
CA GLY C 32 -2.80 8.92 -57.14
C GLY C 32 -2.37 7.46 -56.99
N SER C 33 -2.28 6.99 -55.74
CA SER C 33 -1.96 5.60 -55.43
C SER C 33 -3.04 4.66 -55.97
N HIS C 34 -4.31 5.04 -55.79
CA HIS C 34 -5.44 4.28 -56.32
C HIS C 34 -5.45 4.28 -57.84
N PHE C 35 -5.13 5.42 -58.46
CA PHE C 35 -5.06 5.53 -59.92
C PHE C 35 -4.00 4.60 -60.50
N VAL C 36 -2.78 4.71 -59.96
CA VAL C 36 -1.64 3.90 -60.39
C VAL C 36 -1.91 2.39 -60.18
N GLU C 37 -2.50 2.05 -59.04
CA GLU C 37 -2.91 0.67 -58.73
C GLU C 37 -3.86 0.15 -59.77
N ALA C 38 -4.91 0.91 -60.05
CA ALA C 38 -5.93 0.54 -61.03
C ALA C 38 -5.32 0.34 -62.42
N THR C 39 -4.42 1.24 -62.82
CA THR C 39 -3.79 1.17 -64.14
C THR C 39 -2.89 -0.07 -64.27
N TYR C 40 -2.06 -0.29 -63.25
CA TYR C 40 -1.18 -1.48 -63.18
C TYR C 40 -1.94 -2.79 -63.21
N LYS C 41 -2.92 -2.93 -62.33
CA LYS C 41 -3.67 -4.19 -62.18
C LYS C 41 -4.63 -4.51 -63.34
N ASN C 42 -5.01 -3.51 -64.14
CA ASN C 42 -5.94 -3.75 -65.28
C ASN C 42 -5.30 -4.69 -66.31
N PRO C 43 -5.89 -5.89 -66.51
CA PRO C 43 -5.31 -6.84 -67.47
C PRO C 43 -5.39 -6.42 -68.93
N GLU C 44 -6.29 -5.49 -69.26
CA GLU C 44 -6.40 -4.96 -70.63
C GLU C 44 -5.21 -4.09 -71.06
N LEU C 45 -4.46 -3.52 -70.11
CA LEU C 45 -3.36 -2.59 -70.42
C LEU C 45 -1.99 -3.30 -70.37
N ASP C 46 -1.25 -3.22 -71.48
CA ASP C 46 0.15 -3.66 -71.54
C ASP C 46 1.01 -2.68 -70.74
N ARG C 47 1.67 -3.16 -69.66
CA ARG C 47 2.56 -2.36 -68.80
C ARG C 47 2.54 -0.82 -69.00
N ILE C 48 1.41 -0.19 -68.69
CA ILE C 48 1.26 1.28 -68.70
C ILE C 48 1.89 1.88 -67.43
N ALA C 49 1.47 1.38 -66.26
CA ALA C 49 2.12 1.66 -64.99
C ALA C 49 2.80 0.39 -64.50
N THR C 50 3.96 0.55 -63.84
CA THR C 50 4.77 -0.60 -63.41
C THR C 50 4.50 -0.93 -61.94
N GLU C 51 4.95 -2.11 -61.51
CA GLU C 51 4.86 -2.53 -60.11
C GLU C 51 5.63 -1.58 -59.20
N ASP C 52 6.82 -1.20 -59.61
CA ASP C 52 7.68 -0.26 -58.85
C ASP C 52 6.98 1.10 -58.67
N ASP C 53 6.25 1.56 -59.68
CA ASP C 53 5.42 2.77 -59.55
C ASP C 53 4.40 2.60 -58.41
N LEU C 54 3.70 1.47 -58.44
CA LEU C 54 2.68 1.17 -57.42
C LEU C 54 3.26 1.08 -56.01
N VAL C 55 4.38 0.37 -55.86
CA VAL C 55 5.04 0.21 -54.55
C VAL C 55 5.49 1.56 -54.01
N GLU C 56 6.10 2.38 -54.88
CA GLU C 56 6.55 3.72 -54.52
C GLU C 56 5.40 4.61 -54.02
N MET C 57 4.30 4.61 -54.77
CA MET C 57 3.14 5.42 -54.41
C MET C 57 2.48 4.96 -53.11
N GLN C 58 2.39 3.64 -52.92
CA GLN C 58 1.89 3.06 -51.66
C GLN C 58 2.79 3.43 -50.48
N GLY C 59 4.09 3.29 -50.68
CA GLY C 59 5.07 3.74 -49.69
C GLY C 59 4.91 5.21 -49.32
N TYR C 60 4.64 6.05 -50.31
CA TYR C 60 4.42 7.49 -50.08
C TYR C 60 3.17 7.79 -49.28
N LYS C 61 2.08 7.08 -49.57
CA LYS C 61 0.85 7.15 -48.78
C LYS C 61 1.14 6.87 -47.30
N ASP C 62 1.82 5.76 -47.03
CA ASP C 62 2.18 5.36 -45.66
C ASP C 62 3.04 6.43 -45.01
N LYS C 63 4.16 6.76 -45.65
CA LYS C 63 5.08 7.82 -45.20
C LYS C 63 4.32 9.07 -44.75
N LEU C 64 3.42 9.52 -45.61
CA LEU C 64 2.68 10.77 -45.40
C LEU C 64 1.68 10.68 -44.26
N SER C 65 1.02 9.54 -44.07
CA SER C 65 0.15 9.34 -42.91
C SER C 65 0.93 9.47 -41.62
N ILE C 66 2.07 8.79 -41.52
CA ILE C 66 2.89 8.86 -40.30
C ILE C 66 3.41 10.28 -40.10
N ILE C 67 3.89 10.94 -41.16
CA ILE C 67 4.36 12.34 -41.04
C ILE C 67 3.20 13.27 -40.65
N GLY C 68 2.01 13.04 -41.22
CA GLY C 68 0.82 13.76 -40.80
C GLY C 68 0.61 13.72 -39.30
N GLU C 69 0.64 12.51 -38.73
CA GLU C 69 0.55 12.31 -37.28
C GLU C 69 1.62 13.10 -36.53
N VAL C 70 2.88 12.98 -36.99
CA VAL C 70 4.01 13.69 -36.35
C VAL C 70 3.77 15.20 -36.30
N LEU C 71 3.24 15.76 -37.39
CA LEU C 71 2.98 17.21 -37.49
C LEU C 71 1.91 17.64 -36.49
N SER C 72 0.81 16.87 -36.47
CA SER C 72 -0.37 17.18 -35.65
C SER C 72 -0.21 16.88 -34.15
N ARG C 73 0.69 15.98 -33.76
CA ARG C 73 0.83 15.67 -32.32
C ARG C 73 1.20 16.94 -31.54
N ARG C 74 0.62 17.08 -30.35
CA ARG C 74 0.96 18.26 -29.50
C ARG C 74 2.06 17.91 -28.49
N HIS C 75 3.14 17.43 -29.02
CA HIS C 75 4.35 17.11 -28.24
C HIS C 75 5.52 17.30 -29.17
N MET C 76 6.64 17.82 -28.66
CA MET C 76 7.93 17.65 -29.30
C MET C 76 8.56 16.42 -28.65
N LYS C 77 8.81 15.38 -29.44
CA LYS C 77 9.44 14.16 -28.93
C LYS C 77 10.93 14.17 -29.22
N VAL C 78 11.73 13.91 -28.19
CA VAL C 78 13.18 13.78 -28.31
C VAL C 78 13.57 12.37 -27.86
N ALA C 79 14.07 11.57 -28.80
CA ALA C 79 14.51 10.21 -28.54
C ALA C 79 16.02 10.17 -28.30
N PHE C 80 16.43 9.47 -27.23
CA PHE C 80 17.83 9.20 -26.96
C PHE C 80 18.16 7.82 -27.48
N PHE C 81 19.24 7.75 -28.27
CA PHE C 81 19.59 6.56 -29.00
C PHE C 81 21.08 6.32 -28.90
N GLY C 82 21.46 5.04 -28.88
CA GLY C 82 22.85 4.66 -28.80
C GLY C 82 23.03 3.21 -28.46
N ARG C 83 24.30 2.81 -28.43
CA ARG C 83 24.69 1.46 -28.04
C ARG C 83 24.45 1.27 -26.56
N THR C 84 24.55 0.02 -26.11
CA THR C 84 24.39 -0.31 -24.71
C THR C 84 25.57 0.27 -23.92
N SER C 85 25.27 1.20 -23.00
CA SER C 85 26.23 1.80 -22.04
C SER C 85 27.08 2.97 -22.54
N SER C 86 26.69 3.54 -23.69
CA SER C 86 27.26 4.81 -24.11
C SER C 86 26.92 5.91 -23.11
N GLY C 87 25.72 5.87 -22.55
CA GLY C 87 25.30 6.80 -21.48
C GLY C 87 23.94 7.47 -21.59
N LYS C 88 22.99 6.84 -22.28
CA LYS C 88 21.70 7.47 -22.60
C LYS C 88 20.95 7.87 -21.33
N SER C 89 20.65 6.88 -20.49
CA SER C 89 19.96 7.09 -19.22
C SER C 89 20.68 8.16 -18.39
N SER C 90 22.00 8.05 -18.32
CA SER C 90 22.83 8.96 -17.51
C SER C 90 22.86 10.40 -18.02
N VAL C 91 22.76 10.58 -19.35
CA VAL C 91 22.64 11.93 -19.94
C VAL C 91 21.34 12.60 -19.46
N ILE C 92 20.24 11.85 -19.52
CA ILE C 92 18.94 12.37 -19.06
C ILE C 92 18.98 12.65 -17.55
N ASN C 93 19.55 11.73 -16.79
CA ASN C 93 19.74 11.93 -15.35
C ASN C 93 20.54 13.20 -15.03
N ALA C 94 21.50 13.53 -15.88
CA ALA C 94 22.27 14.78 -15.75
C ALA C 94 21.43 16.02 -16.07
N MET C 95 20.59 15.93 -17.11
CA MET C 95 19.68 17.03 -17.48
C MET C 95 18.65 17.31 -16.37
N LEU C 96 18.17 16.24 -15.76
CA LEU C 96 17.25 16.30 -14.61
C LEU C 96 17.85 16.61 -13.23
N TRP C 97 19.17 16.73 -13.13
CA TRP C 97 19.90 17.00 -11.86
C TRP C 97 19.86 15.88 -10.81
N ASP C 98 19.26 14.74 -11.14
CA ASP C 98 19.14 13.64 -10.18
C ASP C 98 19.13 12.29 -10.90
N LYS C 99 19.57 11.25 -10.21
CA LYS C 99 19.52 9.90 -10.72
C LYS C 99 18.07 9.42 -10.66
N VAL C 100 17.31 9.76 -11.69
CA VAL C 100 15.88 9.42 -11.77
C VAL C 100 15.59 8.16 -12.60
N LEU C 101 16.51 7.77 -13.48
CA LEU C 101 16.26 6.68 -14.43
C LEU C 101 17.31 5.58 -14.26
N PRO C 102 16.92 4.31 -14.55
CA PRO C 102 17.82 3.19 -14.33
C PRO C 102 19.11 3.32 -15.14
N SER C 103 20.24 3.23 -14.43
CA SER C 103 21.55 3.36 -15.04
C SER C 103 22.55 2.45 -14.35
N GLY C 104 23.52 1.94 -15.11
CA GLY C 104 24.54 1.03 -14.60
C GLY C 104 25.19 0.20 -15.69
N ILE C 105 26.26 -0.52 -15.32
CA ILE C 105 26.94 -1.42 -16.26
C ILE C 105 26.04 -2.60 -16.62
N GLY C 106 26.25 -3.14 -17.81
CA GLY C 106 25.42 -4.23 -18.34
C GLY C 106 24.22 -3.63 -19.06
N HIS C 107 23.37 -4.50 -19.57
CA HIS C 107 22.07 -4.09 -20.13
C HIS C 107 21.12 -3.76 -18.99
N ILE C 108 20.63 -2.52 -18.93
CA ILE C 108 19.80 -2.02 -17.81
C ILE C 108 18.41 -1.63 -18.33
N THR C 109 18.35 -0.54 -19.12
CA THR C 109 17.08 0.03 -19.56
C THR C 109 16.34 -0.94 -20.47
N ASN C 110 15.32 -1.62 -19.92
CA ASN C 110 14.60 -2.69 -20.60
C ASN C 110 13.12 -2.36 -20.82
N CYS C 111 12.85 -1.08 -21.03
CA CYS C 111 11.51 -0.56 -21.29
C CYS C 111 11.70 0.84 -21.83
N PHE C 112 10.65 1.44 -22.38
CA PHE C 112 10.77 2.82 -22.87
C PHE C 112 10.24 3.77 -21.81
N LEU C 113 10.87 4.93 -21.68
CA LEU C 113 10.54 5.87 -20.61
C LEU C 113 10.33 7.28 -21.14
N SER C 114 9.08 7.73 -21.14
CA SER C 114 8.74 9.15 -21.36
C SER C 114 9.21 9.94 -20.14
N VAL C 115 9.70 11.16 -20.37
CA VAL C 115 9.95 12.10 -19.28
C VAL C 115 9.35 13.43 -19.68
N GLU C 116 8.39 13.90 -18.88
CA GLU C 116 7.64 15.13 -19.14
C GLU C 116 7.69 16.03 -17.91
N GLY C 117 7.36 17.30 -18.13
CA GLY C 117 7.18 18.24 -17.04
C GLY C 117 5.85 18.02 -16.35
N THR C 118 5.78 18.38 -15.08
CA THR C 118 4.52 18.47 -14.36
C THR C 118 4.51 19.73 -13.50
N ASP C 119 3.31 20.29 -13.32
CA ASP C 119 3.14 21.51 -12.53
C ASP C 119 3.27 21.23 -11.04
N GLY C 120 2.93 20.00 -10.62
CA GLY C 120 3.12 19.57 -9.24
C GLY C 120 4.57 19.62 -8.81
N ASP C 121 4.80 19.77 -7.51
CA ASP C 121 6.14 19.85 -6.94
C ASP C 121 6.80 18.49 -6.61
N LYS C 122 6.09 17.38 -6.83
CA LYS C 122 6.64 16.04 -6.65
C LYS C 122 6.64 15.25 -7.95
N ALA C 123 7.64 14.39 -8.11
CA ALA C 123 7.77 13.51 -9.27
C ALA C 123 6.89 12.28 -9.12
N TYR C 124 6.51 11.69 -10.24
CA TYR C 124 5.73 10.44 -10.24
C TYR C 124 5.81 9.71 -11.58
N LEU C 125 5.24 8.51 -11.60
CA LEU C 125 5.19 7.64 -12.77
C LEU C 125 3.79 7.14 -13.03
N MET C 126 3.50 6.81 -14.29
CA MET C 126 2.22 6.20 -14.67
C MET C 126 2.50 5.11 -15.68
N THR C 127 1.74 4.01 -15.59
CA THR C 127 1.91 2.84 -16.43
C THR C 127 0.70 2.64 -17.33
N GLU C 128 0.89 1.96 -18.46
CA GLU C 128 -0.11 1.75 -19.50
C GLU C 128 -1.51 1.58 -18.93
N GLY C 129 -2.43 2.49 -19.29
CA GLY C 129 -3.79 2.53 -18.74
C GLY C 129 -3.97 2.58 -17.23
N SER C 130 -3.25 3.47 -16.55
CA SER C 130 -3.41 3.69 -15.12
C SER C 130 -3.43 5.17 -14.78
N ASP C 131 -4.43 5.59 -14.02
CA ASP C 131 -4.52 6.95 -13.49
C ASP C 131 -3.49 7.14 -12.38
N GLU C 132 -3.22 6.06 -11.63
CA GLU C 132 -2.39 6.08 -10.41
C GLU C 132 -1.05 6.77 -10.63
N LYS C 133 -0.83 7.87 -9.91
CA LYS C 133 0.46 8.53 -9.86
C LYS C 133 1.35 7.77 -8.86
N LYS C 134 2.09 6.80 -9.38
CA LYS C 134 2.95 5.95 -8.55
C LYS C 134 4.25 6.68 -8.24
N SER C 135 4.94 6.22 -7.20
CA SER C 135 6.19 6.83 -6.76
C SER C 135 7.23 6.64 -7.85
N VAL C 136 8.01 7.70 -8.09
CA VAL C 136 9.12 7.62 -9.04
C VAL C 136 10.15 6.56 -8.61
N LYS C 137 10.19 6.24 -7.32
CA LYS C 137 11.06 5.19 -6.79
C LYS C 137 10.65 3.76 -7.18
N THR C 138 9.48 3.56 -7.77
CA THR C 138 9.12 2.24 -8.29
C THR C 138 9.82 1.88 -9.64
N VAL C 139 10.45 2.86 -10.32
CA VAL C 139 10.97 2.64 -11.70
C VAL C 139 11.65 1.30 -11.95
N ASN C 140 12.60 0.94 -11.10
CA ASN C 140 13.44 -0.24 -11.32
C ASN C 140 12.65 -1.53 -11.57
N GLN C 141 11.53 -1.71 -10.88
CA GLN C 141 10.71 -2.90 -11.06
C GLN C 141 10.15 -3.03 -12.47
N LEU C 142 9.93 -1.89 -13.13
CA LEU C 142 9.37 -1.81 -14.48
C LEU C 142 10.40 -1.68 -15.60
N ALA C 143 11.51 -0.99 -15.34
CA ALA C 143 12.43 -0.52 -16.39
C ALA C 143 13.89 -1.01 -16.26
N HIS C 144 14.29 -1.57 -15.12
CA HIS C 144 15.66 -2.01 -14.87
C HIS C 144 15.71 -3.54 -14.95
N ALA C 145 16.29 -4.13 -15.97
CA ALA C 145 16.39 -5.65 -15.95
C ALA C 145 17.80 -5.53 -15.67
N LEU C 146 18.27 -5.63 -14.43
CA LEU C 146 18.44 -6.68 -13.43
C LEU C 146 17.38 -6.89 -12.35
N HIS C 147 16.30 -6.11 -12.35
CA HIS C 147 15.13 -6.35 -11.46
C HIS C 147 14.04 -7.18 -12.14
N MET C 148 13.75 -6.84 -13.39
CA MET C 148 12.68 -7.47 -14.15
C MET C 148 12.92 -8.95 -14.45
N ASP C 149 11.86 -9.76 -14.31
CA ASP C 149 11.91 -11.19 -14.59
C ASP C 149 12.07 -11.42 -16.09
N LYS C 150 12.83 -12.46 -16.44
CA LYS C 150 13.10 -12.76 -17.85
C LYS C 150 11.87 -13.07 -18.67
N ASP C 151 10.75 -13.44 -18.03
CA ASP C 151 9.47 -13.68 -18.71
C ASP C 151 8.88 -12.43 -19.34
N LEU C 152 9.10 -11.25 -18.76
CA LEU C 152 8.32 -10.04 -19.13
C LEU C 152 8.55 -9.60 -20.57
N LYS C 153 7.49 -9.06 -21.18
CA LYS C 153 7.55 -8.45 -22.52
C LYS C 153 8.06 -6.99 -22.41
N ALA C 154 9.09 -6.62 -23.19
CA ALA C 154 9.84 -5.39 -22.97
C ALA C 154 9.37 -4.19 -23.80
N GLY C 155 8.43 -4.38 -24.75
CA GLY C 155 7.85 -3.30 -25.51
C GLY C 155 6.81 -2.48 -24.79
N CYS C 156 7.15 -1.95 -23.61
CA CYS C 156 6.25 -1.19 -22.76
C CYS C 156 6.67 0.26 -22.69
N LEU C 157 5.76 1.10 -22.18
CA LEU C 157 6.04 2.50 -21.92
C LEU C 157 5.70 2.82 -20.47
N VAL C 158 6.64 3.47 -19.79
CA VAL C 158 6.42 4.03 -18.46
C VAL C 158 6.61 5.53 -18.59
N ARG C 159 5.62 6.30 -18.15
CA ARG C 159 5.68 7.76 -18.27
C ARG C 159 6.13 8.35 -16.95
N VAL C 160 7.30 8.99 -16.96
CA VAL C 160 7.82 9.71 -15.81
C VAL C 160 7.43 11.17 -15.94
N PHE C 161 7.03 11.76 -14.81
CA PHE C 161 6.71 13.18 -14.73
C PHE C 161 7.64 13.79 -13.70
N TRP C 162 8.37 14.82 -14.12
CA TRP C 162 9.33 15.51 -13.27
C TRP C 162 8.83 16.95 -13.08
N PRO C 163 8.97 17.52 -11.86
CA PRO C 163 8.47 18.88 -11.63
C PRO C 163 9.16 19.93 -12.49
N LYS C 164 8.38 20.80 -13.14
CA LYS C 164 8.91 21.85 -14.01
C LYS C 164 9.75 22.88 -13.24
N ALA C 165 9.40 23.12 -11.98
CA ALA C 165 10.19 24.00 -11.09
C ALA C 165 11.67 23.60 -11.04
N LYS C 166 11.93 22.28 -10.96
CA LYS C 166 13.29 21.74 -11.12
C LYS C 166 14.17 21.84 -12.35
N CYS C 167 13.73 21.33 -13.49
CA CYS C 167 14.53 21.40 -14.74
C CYS C 167 13.67 22.28 -15.70
N ALA C 168 14.25 23.44 -16.03
CA ALA C 168 13.72 24.38 -17.02
C ALA C 168 13.21 23.71 -18.31
N LEU C 169 14.01 22.82 -18.88
CA LEU C 169 13.75 22.25 -20.22
C LEU C 169 12.37 21.62 -20.43
N LEU C 170 11.79 21.03 -19.37
CA LEU C 170 10.54 20.27 -19.52
C LEU C 170 9.29 21.10 -19.79
N ARG C 171 9.33 22.39 -19.47
CA ARG C 171 8.33 23.37 -19.98
C ARG C 171 8.63 23.53 -21.50
N ASP C 172 7.69 23.38 -22.45
CA ASP C 172 6.25 23.06 -22.27
C ASP C 172 5.86 21.63 -22.69
N ASP C 173 5.60 21.41 -23.97
CA ASP C 173 5.13 20.11 -24.46
C ASP C 173 6.29 19.18 -24.86
N LEU C 174 7.42 19.27 -24.16
CA LEU C 174 8.61 18.47 -24.48
C LEU C 174 8.47 17.10 -23.83
N VAL C 175 8.85 16.06 -24.58
CA VAL C 175 8.88 14.69 -24.06
C VAL C 175 10.21 14.04 -24.41
N LEU C 176 11.00 13.73 -23.38
CA LEU C 176 12.26 13.01 -23.56
C LEU C 176 11.97 11.50 -23.49
N VAL C 177 12.70 10.71 -24.27
CA VAL C 177 12.52 9.25 -24.32
C VAL C 177 13.84 8.50 -24.13
N ASP C 178 13.98 7.82 -22.99
CA ASP C 178 15.09 6.87 -22.77
C ASP C 178 14.66 5.55 -23.38
N SER C 179 15.57 4.91 -24.12
CA SER C 179 15.31 3.62 -24.77
C SER C 179 16.36 2.59 -24.37
N PRO C 180 16.14 1.32 -24.75
CA PRO C 180 17.20 0.31 -24.62
C PRO C 180 18.32 0.50 -25.63
N GLY C 181 19.38 -0.28 -25.44
CA GLY C 181 20.53 -0.27 -26.33
C GLY C 181 20.14 -0.80 -27.69
N THR C 182 20.68 -0.18 -28.74
CA THR C 182 20.49 -0.69 -30.09
C THR C 182 21.33 -1.96 -30.31
N ASP C 183 20.83 -2.79 -31.22
CA ASP C 183 21.50 -4.00 -31.69
C ASP C 183 21.72 -5.05 -30.59
N VAL C 184 20.85 -5.09 -29.57
CA VAL C 184 20.95 -6.10 -28.50
C VAL C 184 20.14 -7.34 -28.89
N THR C 185 18.87 -7.14 -29.25
CA THR C 185 18.04 -8.19 -29.85
C THR C 185 17.13 -7.61 -30.93
N THR C 186 16.70 -8.46 -31.86
CA THR C 186 15.86 -8.04 -32.99
C THR C 186 14.56 -7.42 -32.52
N GLU C 187 13.92 -8.06 -31.55
CA GLU C 187 12.64 -7.60 -31.01
C GLU C 187 12.81 -6.23 -30.36
N LEU C 188 13.84 -6.07 -29.52
CA LEU C 188 14.13 -4.76 -28.93
C LEU C 188 14.33 -3.68 -29.98
N ASP C 189 15.01 -4.04 -31.08
CA ASP C 189 15.21 -3.11 -32.18
C ASP C 189 13.89 -2.71 -32.84
N SER C 190 13.00 -3.68 -33.05
CA SER C 190 11.69 -3.39 -33.66
C SER C 190 10.83 -2.48 -32.78
N TRP C 191 10.94 -2.64 -31.46
CA TRP C 191 10.30 -1.73 -30.50
C TRP C 191 10.97 -0.35 -30.53
N ILE C 192 12.30 -0.31 -30.61
CA ILE C 192 13.03 0.97 -30.73
C ILE C 192 12.55 1.75 -31.96
N ASP C 193 12.27 1.05 -33.06
CA ASP C 193 11.68 1.69 -34.24
C ASP C 193 10.29 2.21 -33.89
N LYS C 194 9.41 1.33 -33.42
CA LYS C 194 8.02 1.71 -33.11
C LYS C 194 7.93 2.97 -32.24
N PHE C 195 8.74 3.01 -31.19
CA PHE C 195 8.75 4.15 -30.26
C PHE C 195 9.52 5.37 -30.77
N CYS C 196 10.78 5.16 -31.16
CA CYS C 196 11.71 6.29 -31.38
C CYS C 196 11.84 6.83 -32.81
N LEU C 197 11.53 6.01 -33.82
CA LEU C 197 11.74 6.40 -35.24
C LEU C 197 11.11 7.72 -35.64
N ASP C 198 9.92 8.00 -35.10
CA ASP C 198 9.19 9.23 -35.43
C ASP C 198 9.51 10.43 -34.53
N ALA C 199 10.64 10.38 -33.80
CA ALA C 199 11.05 11.50 -32.95
C ALA C 199 11.35 12.74 -33.78
N ASP C 200 11.05 13.90 -33.20
CA ASP C 200 11.35 15.18 -33.84
C ASP C 200 12.84 15.47 -33.77
N VAL C 201 13.46 15.13 -32.65
CA VAL C 201 14.89 15.33 -32.44
C VAL C 201 15.50 14.07 -31.84
N PHE C 202 16.73 13.73 -32.27
CA PHE C 202 17.46 12.60 -31.74
C PHE C 202 18.71 13.10 -31.04
N VAL C 203 19.00 12.52 -29.88
CA VAL C 203 20.28 12.71 -29.21
C VAL C 203 21.02 11.38 -29.31
N LEU C 204 21.98 11.33 -30.22
CA LEU C 204 22.86 10.18 -30.38
C LEU C 204 23.91 10.26 -29.29
N VAL C 205 23.82 9.39 -28.30
CA VAL C 205 24.83 9.29 -27.26
C VAL C 205 25.88 8.27 -27.73
N ALA C 206 27.02 8.78 -28.15
CA ALA C 206 28.13 7.99 -28.67
C ALA C 206 29.14 7.75 -27.56
N ASN C 207 29.84 6.62 -27.63
CA ASN C 207 30.87 6.31 -26.66
C ASN C 207 32.23 6.84 -27.13
N SER C 208 32.66 7.94 -26.54
CA SER C 208 33.91 8.60 -26.94
C SER C 208 35.19 7.80 -26.63
N GLU C 209 35.12 6.77 -25.79
CA GLU C 209 36.28 5.86 -25.68
C GLU C 209 36.42 4.97 -26.92
N SER C 210 35.32 4.73 -27.63
CA SER C 210 35.29 3.93 -28.84
C SER C 210 35.17 4.85 -30.06
N THR C 211 34.64 4.32 -31.18
CA THR C 211 34.23 5.14 -32.32
C THR C 211 32.86 4.70 -32.85
N LEU C 212 32.26 5.52 -33.72
CA LEU C 212 30.89 5.26 -34.23
C LEU C 212 30.83 4.00 -35.10
N MET C 213 29.94 3.09 -34.74
CA MET C 213 29.70 1.87 -35.52
C MET C 213 28.63 2.09 -36.58
N ASN C 214 28.58 1.21 -37.57
CA ASN C 214 27.61 1.34 -38.65
C ASN C 214 26.19 0.97 -38.20
N THR C 215 26.02 0.02 -37.28
CA THR C 215 24.67 -0.28 -36.75
C THR C 215 24.06 0.93 -36.05
N GLU C 216 24.90 1.75 -35.42
CA GLU C 216 24.44 3.01 -34.83
C GLU C 216 23.97 3.99 -35.90
N LYS C 217 24.76 4.11 -36.97
CA LYS C 217 24.41 4.99 -38.09
C LYS C 217 23.17 4.51 -38.86
N HIS C 218 23.07 3.19 -39.03
CA HIS C 218 22.00 2.57 -39.84
C HIS C 218 20.59 2.97 -39.39
N PHE C 219 20.40 3.13 -38.08
CA PHE C 219 19.14 3.62 -37.51
C PHE C 219 18.69 4.93 -38.14
N PHE C 220 19.61 5.89 -38.25
CA PHE C 220 19.29 7.23 -38.78
C PHE C 220 19.08 7.22 -40.29
N HIS C 221 19.75 6.32 -41.00
CA HIS C 221 19.41 6.04 -42.40
C HIS C 221 17.99 5.47 -42.51
N LYS C 222 17.61 4.64 -41.55
CA LYS C 222 16.26 4.07 -41.49
C LYS C 222 15.23 5.16 -41.23
N VAL C 223 15.52 6.10 -40.34
CA VAL C 223 14.65 7.27 -40.11
C VAL C 223 14.41 8.00 -41.44
N ASN C 224 15.47 8.22 -42.22
CA ASN C 224 15.36 8.89 -43.51
C ASN C 224 14.57 8.07 -44.53
N GLU C 225 14.85 6.76 -44.60
CA GLU C 225 14.12 5.84 -45.46
C GLU C 225 12.61 5.83 -45.19
N ARG C 226 12.22 5.94 -43.92
CA ARG C 226 10.82 5.81 -43.51
C ARG C 226 10.08 7.15 -43.36
N LEU C 227 10.81 8.21 -43.06
CA LEU C 227 10.21 9.52 -42.74
C LEU C 227 10.79 10.82 -43.31
N SER C 228 11.93 11.29 -42.79
CA SER C 228 12.54 12.54 -43.24
C SER C 228 13.95 12.53 -42.66
N LYS C 229 14.82 13.40 -43.17
CA LYS C 229 16.21 13.46 -42.68
C LYS C 229 16.21 13.90 -41.21
N PRO C 230 16.82 13.10 -40.32
CA PRO C 230 16.69 13.31 -38.88
C PRO C 230 17.49 14.48 -38.27
N ASN C 231 16.84 15.23 -37.39
CA ASN C 231 17.50 16.26 -36.58
C ASN C 231 18.27 15.51 -35.50
N ILE C 232 19.58 15.73 -35.46
CA ILE C 232 20.50 14.89 -34.70
C ILE C 232 21.48 15.75 -33.89
N PHE C 233 21.54 15.53 -32.59
CA PHE C 233 22.64 15.99 -31.74
C PHE C 233 23.50 14.78 -31.45
N ILE C 234 24.81 14.93 -31.54
CA ILE C 234 25.74 13.87 -31.17
C ILE C 234 26.46 14.27 -29.88
N LEU C 235 26.27 13.47 -28.84
CA LEU C 235 27.01 13.62 -27.59
C LEU C 235 28.06 12.53 -27.49
N ASN C 236 29.32 12.92 -27.67
CA ASN C 236 30.44 12.01 -27.45
C ASN C 236 30.64 11.96 -25.93
N ASN C 237 30.00 10.97 -25.31
CA ASN C 237 29.79 10.97 -23.86
C ASN C 237 30.84 10.56 -22.85
N ARG C 238 31.80 9.74 -23.12
CA ARG C 238 32.63 9.38 -21.93
C ARG C 238 33.97 10.11 -21.94
N TRP C 239 33.90 11.38 -22.32
CA TRP C 239 35.08 12.17 -22.70
C TRP C 239 36.10 12.37 -21.58
N ASP C 240 35.65 12.25 -20.34
CA ASP C 240 36.56 12.16 -19.19
C ASP C 240 37.67 11.10 -19.32
N ALA C 241 37.43 10.07 -20.13
CA ALA C 241 38.48 9.11 -20.52
C ALA C 241 39.74 9.78 -21.09
N SER C 242 39.58 10.87 -21.84
CA SER C 242 40.72 11.58 -22.44
C SER C 242 41.63 12.33 -21.45
N ALA C 243 41.23 12.41 -20.16
CA ALA C 243 42.12 12.88 -19.10
C ALA C 243 43.34 11.95 -18.89
N SER C 244 43.13 10.64 -19.07
CA SER C 244 44.26 9.69 -19.24
C SER C 244 44.67 9.85 -20.71
N GLU C 245 45.96 9.76 -21.00
CA GLU C 245 46.48 9.90 -22.36
C GLU C 245 46.24 11.30 -23.00
N PRO C 246 46.58 12.40 -22.27
CA PRO C 246 46.50 13.77 -22.80
C PRO C 246 47.33 14.05 -24.05
N GLU C 247 48.43 13.30 -24.24
CA GLU C 247 49.30 13.47 -25.41
C GLU C 247 48.62 13.22 -26.76
N TYR C 248 47.46 12.53 -26.76
CA TYR C 248 46.64 12.36 -27.96
C TYR C 248 45.23 12.98 -27.89
N MET C 249 44.86 13.61 -26.77
CA MET C 249 43.50 14.14 -26.59
C MET C 249 43.00 14.89 -27.81
N GLU C 250 43.79 15.84 -28.30
CA GLU C 250 43.39 16.69 -29.42
C GLU C 250 43.26 15.88 -30.72
N ASP C 251 44.12 14.88 -30.88
CA ASP C 251 44.07 13.99 -32.05
C ASP C 251 42.85 13.06 -32.04
N VAL C 252 42.48 12.58 -30.86
CA VAL C 252 41.30 11.73 -30.69
C VAL C 252 40.04 12.56 -30.90
N ARG C 253 40.01 13.74 -30.28
CA ARG C 253 38.93 14.71 -30.48
C ARG C 253 38.74 15.03 -31.97
N ARG C 254 39.84 15.28 -32.66
CA ARG C 254 39.82 15.52 -34.11
C ARG C 254 39.25 14.34 -34.87
N GLN C 255 39.61 13.11 -34.47
CA GLN C 255 39.10 11.91 -35.12
C GLN C 255 37.58 11.84 -35.01
N HIS C 256 37.07 11.99 -33.80
CA HIS C 256 35.63 11.96 -33.57
C HIS C 256 34.92 13.05 -34.34
N MET C 257 35.40 14.27 -34.19
CA MET C 257 34.80 15.42 -34.87
C MET C 257 34.74 15.18 -36.38
N GLU C 258 35.82 14.68 -36.99
CA GLU C 258 35.84 14.41 -38.44
C GLU C 258 34.84 13.31 -38.84
N ARG C 259 34.76 12.25 -38.03
CA ARG C 259 33.86 11.13 -38.31
C ARG C 259 32.38 11.53 -38.17
N CYS C 260 32.06 12.21 -37.07
CA CYS C 260 30.71 12.72 -36.81
C CYS C 260 30.28 13.73 -37.89
N LEU C 261 31.18 14.64 -38.26
CA LEU C 261 30.95 15.58 -39.36
C LEU C 261 30.64 14.84 -40.65
N HIS C 262 31.47 13.86 -40.99
CA HIS C 262 31.24 13.05 -42.19
C HIS C 262 29.88 12.34 -42.16
N PHE C 263 29.48 11.85 -40.99
CA PHE C 263 28.18 11.19 -40.83
C PHE C 263 27.01 12.12 -41.11
N LEU C 264 27.00 13.29 -40.47
CA LEU C 264 25.90 14.25 -40.64
C LEU C 264 25.90 14.92 -42.01
N VAL C 265 27.10 15.28 -42.48
CA VAL C 265 27.25 16.15 -43.66
C VAL C 265 27.35 15.36 -44.98
N GLU C 266 28.17 14.31 -45.01
CA GLU C 266 28.39 13.54 -46.24
C GLU C 266 27.49 12.32 -46.37
N GLU C 267 27.32 11.56 -45.28
CA GLU C 267 26.56 10.31 -45.34
C GLU C 267 25.05 10.54 -45.31
N LEU C 268 24.56 11.21 -44.26
CA LEU C 268 23.14 11.57 -44.17
C LEU C 268 22.77 12.75 -45.06
N LYS C 269 23.71 13.67 -45.26
CA LYS C 269 23.47 14.92 -45.98
C LYS C 269 22.27 15.65 -45.39
N VAL C 270 22.25 15.77 -44.07
CA VAL C 270 21.16 16.44 -43.35
C VAL C 270 21.51 17.90 -43.02
N VAL C 271 22.79 18.22 -42.95
CA VAL C 271 23.28 19.50 -42.44
C VAL C 271 24.62 19.83 -43.10
N ASN C 272 24.95 21.12 -43.22
CA ASN C 272 26.28 21.52 -43.74
C ASN C 272 27.30 21.50 -42.61
N ALA C 273 28.58 21.61 -42.95
CA ALA C 273 29.66 21.49 -41.95
C ALA C 273 29.58 22.54 -40.83
N LEU C 274 29.18 23.75 -41.17
CA LEU C 274 29.04 24.84 -40.20
C LEU C 274 27.92 24.61 -39.20
N GLU C 275 26.78 24.09 -39.67
CA GLU C 275 25.67 23.70 -38.80
C GLU C 275 26.07 22.54 -37.88
N ALA C 276 26.69 21.52 -38.47
CA ALA C 276 27.15 20.33 -37.75
C ALA C 276 28.10 20.66 -36.58
N GLN C 277 28.88 21.73 -36.70
CA GLN C 277 29.73 22.21 -35.60
C GLN C 277 28.94 22.32 -34.30
N ASN C 278 27.73 22.90 -34.39
CA ASN C 278 26.87 23.13 -33.22
C ASN C 278 25.92 21.97 -32.89
N ARG C 279 26.17 20.79 -33.47
CA ARG C 279 25.43 19.58 -33.15
C ARG C 279 26.31 18.48 -32.49
N ILE C 280 27.63 18.66 -32.48
CA ILE C 280 28.56 17.65 -31.96
C ILE C 280 29.25 18.17 -30.70
N PHE C 281 29.21 17.36 -29.64
CA PHE C 281 29.73 17.74 -28.33
C PHE C 281 30.55 16.64 -27.68
N PHE C 282 31.38 17.05 -26.73
CA PHE C 282 32.25 16.14 -25.99
C PHE C 282 32.02 16.38 -24.52
N VAL C 283 31.49 15.38 -23.83
CA VAL C 283 30.96 15.57 -22.48
C VAL C 283 31.12 14.33 -21.60
N SER C 284 30.91 14.52 -20.31
CA SER C 284 30.82 13.42 -19.36
C SER C 284 29.55 13.58 -18.54
N ALA C 285 28.49 12.89 -18.95
CA ALA C 285 27.23 12.87 -18.20
C ALA C 285 27.48 12.54 -16.73
N LYS C 286 28.28 11.50 -16.48
CA LYS C 286 28.66 11.09 -15.12
C LYS C 286 29.17 12.25 -14.27
N GLU C 287 30.10 13.02 -14.83
CA GLU C 287 30.65 14.20 -14.14
C GLU C 287 29.59 15.27 -13.87
N VAL C 288 28.79 15.57 -14.89
CA VAL C 288 27.77 16.61 -14.79
C VAL C 288 26.71 16.22 -13.75
N LEU C 289 26.27 14.97 -13.78
CA LEU C 289 25.31 14.45 -12.79
C LEU C 289 25.88 14.52 -11.38
N SER C 290 27.11 14.04 -11.22
CA SER C 290 27.79 14.06 -9.92
C SER C 290 27.90 15.47 -9.35
N ALA C 291 28.26 16.43 -10.19
CA ALA C 291 28.40 17.83 -9.77
C ALA C 291 27.07 18.47 -9.41
N ARG C 292 26.05 18.20 -10.24
CA ARG C 292 24.70 18.74 -10.03
C ARG C 292 23.99 18.15 -8.82
N LYS C 293 24.08 16.82 -8.67
CA LYS C 293 23.48 16.12 -7.52
C LYS C 293 24.18 16.48 -6.19
N GLN C 294 25.34 17.13 -6.26
CA GLN C 294 25.92 17.82 -5.12
C GLN C 294 25.29 19.24 -5.00
N LYS C 295 23.98 19.33 -4.78
CA LYS C 295 23.39 20.51 -4.15
C LYS C 295 22.74 20.03 -2.87
N ALA C 296 23.47 20.20 -1.77
CA ALA C 296 23.38 19.42 -0.51
C ALA C 296 24.44 18.33 -0.53
N LEU C 306 39.55 16.62 -8.59
CA LEU C 306 38.61 16.33 -9.69
C LEU C 306 39.36 16.15 -11.02
N ALA C 307 38.89 15.21 -11.84
CA ALA C 307 39.57 14.83 -13.10
C ALA C 307 39.74 16.02 -14.04
N GLU C 308 40.80 15.98 -14.84
CA GLU C 308 41.25 17.15 -15.58
C GLU C 308 40.38 17.44 -16.80
N GLY C 309 40.20 18.73 -17.06
CA GLY C 309 39.22 19.25 -18.02
C GLY C 309 37.75 19.09 -17.68
N PHE C 310 37.43 18.79 -16.42
CA PHE C 310 36.05 18.69 -15.95
C PHE C 310 35.22 19.91 -16.32
N HIS C 311 35.79 21.09 -16.08
CA HIS C 311 35.12 22.37 -16.32
C HIS C 311 34.80 22.61 -17.79
N ALA C 312 35.72 22.21 -18.68
CA ALA C 312 35.47 22.29 -20.13
C ALA C 312 34.32 21.39 -20.54
N ARG C 313 34.35 20.14 -20.09
CA ARG C 313 33.30 19.16 -20.40
C ARG C 313 31.94 19.55 -19.83
N LEU C 314 31.96 20.22 -18.68
CA LEU C 314 30.75 20.81 -18.09
C LEU C 314 30.20 21.94 -18.95
N GLN C 315 31.08 22.86 -19.36
CA GLN C 315 30.67 23.99 -20.20
C GLN C 315 30.10 23.56 -21.54
N GLU C 316 30.59 22.45 -22.08
CA GLU C 316 30.05 21.91 -23.33
C GLU C 316 28.71 21.20 -23.14
N PHE C 317 28.50 20.55 -22.00
CA PHE C 317 27.18 20.01 -21.68
C PHE C 317 26.17 21.13 -21.57
N GLN C 318 26.59 22.23 -20.94
CA GLN C 318 25.76 23.43 -20.82
C GLN C 318 25.44 24.06 -22.18
N ASN C 319 26.43 24.09 -23.08
CA ASN C 319 26.21 24.57 -24.45
C ASN C 319 25.21 23.69 -25.19
N PHE C 320 25.35 22.37 -25.04
CA PHE C 320 24.38 21.42 -25.59
C PHE C 320 22.97 21.73 -25.10
N GLU C 321 22.82 21.93 -23.79
CA GLU C 321 21.51 22.26 -23.21
C GLU C 321 20.94 23.59 -23.71
N GLN C 322 21.82 24.58 -23.90
CA GLN C 322 21.41 25.89 -24.42
C GLN C 322 20.93 25.79 -25.87
N ILE C 323 21.70 25.10 -26.71
CA ILE C 323 21.39 24.94 -28.13
C ILE C 323 20.19 24.01 -28.33
N PHE C 324 20.12 22.96 -27.51
CA PHE C 324 18.96 22.07 -27.47
C PHE C 324 17.69 22.83 -27.14
N GLU C 325 17.75 23.69 -26.12
CA GLU C 325 16.60 24.55 -25.77
C GLU C 325 16.26 25.59 -26.84
N GLU C 326 17.26 26.12 -27.54
CA GLU C 326 17.06 27.12 -28.60
C GLU C 326 16.31 26.52 -29.78
N CYS C 327 16.62 25.27 -30.14
CA CYS C 327 15.76 24.53 -31.06
C CYS C 327 14.29 24.14 -30.83
N ILE C 328 13.91 23.45 -29.76
CA ILE C 328 12.46 22.98 -29.61
C ILE C 328 11.68 24.12 -28.89
N SER C 329 12.25 25.31 -28.66
CA SER C 329 11.45 26.51 -28.32
C SER C 329 11.53 27.60 -29.42
N GLN C 330 12.57 28.44 -29.41
CA GLN C 330 12.69 29.54 -30.39
C GLN C 330 12.51 29.05 -31.84
N SER C 331 13.28 28.03 -32.21
CA SER C 331 13.27 27.50 -33.58
C SER C 331 12.37 26.25 -33.71
N ALA C 332 11.31 26.17 -32.90
CA ALA C 332 10.41 25.01 -32.90
C ALA C 332 9.65 24.85 -34.21
N VAL C 333 9.39 25.95 -34.90
CA VAL C 333 8.76 25.92 -36.22
C VAL C 333 9.69 25.18 -37.18
N LYS C 334 10.97 25.57 -37.17
CA LYS C 334 11.99 24.94 -38.01
C LYS C 334 12.14 23.47 -37.62
N THR C 335 12.42 23.24 -36.32
CA THR C 335 12.69 21.90 -35.78
C THR C 335 11.56 20.91 -36.05
N LYS C 336 10.32 21.33 -35.84
CA LYS C 336 9.17 20.44 -35.99
C LYS C 336 8.83 20.20 -37.47
N PHE C 337 8.91 21.23 -38.30
CA PHE C 337 8.31 21.17 -39.65
C PHE C 337 9.27 21.10 -40.84
N GLU C 338 10.40 21.80 -40.80
CA GLU C 338 11.22 22.01 -42.01
C GLU C 338 11.55 20.75 -42.81
N GLN C 339 12.17 19.78 -42.15
CA GLN C 339 12.59 18.54 -42.79
C GLN C 339 11.45 17.77 -43.46
N HIS C 340 10.28 17.79 -42.81
CA HIS C 340 9.08 17.17 -43.35
C HIS C 340 8.56 17.91 -44.59
N THR C 341 8.64 19.24 -44.60
CA THR C 341 8.22 20.02 -45.77
C THR C 341 9.17 19.77 -46.95
N ILE C 342 10.47 19.63 -46.66
CA ILE C 342 11.46 19.34 -47.70
C ILE C 342 11.15 17.97 -48.33
N ARG C 343 10.95 16.97 -47.48
CA ARG C 343 10.57 15.64 -47.93
C ARG C 343 9.26 15.67 -48.70
N ALA C 344 8.31 16.49 -48.27
CA ALA C 344 7.05 16.68 -49.02
C ALA C 344 7.32 17.15 -50.45
N LYS C 345 8.21 18.13 -50.61
CA LYS C 345 8.58 18.62 -51.92
C LYS C 345 9.22 17.52 -52.78
N GLN C 346 10.11 16.75 -52.15
CA GLN C 346 10.77 15.61 -52.80
C GLN C 346 9.76 14.57 -53.27
N ILE C 347 8.84 14.17 -52.39
CA ILE C 347 7.84 13.15 -52.75
C ILE C 347 6.98 13.64 -53.93
N LEU C 348 6.48 14.88 -53.84
CA LEU C 348 5.70 15.48 -54.93
C LEU C 348 6.42 15.46 -56.28
N ALA C 349 7.72 15.78 -56.27
CA ALA C 349 8.55 15.74 -57.48
C ALA C 349 8.55 14.35 -58.11
N THR C 350 8.78 13.33 -57.29
CA THR C 350 8.75 11.94 -57.76
C THR C 350 7.35 11.50 -58.22
N VAL C 351 6.31 11.96 -57.54
CA VAL C 351 4.92 11.65 -57.97
C VAL C 351 4.71 12.22 -59.36
N LYS C 352 5.10 13.48 -59.56
CA LYS C 352 5.04 14.12 -60.89
C LYS C 352 5.72 13.27 -61.98
N ASN C 353 6.91 12.74 -61.67
CA ASN C 353 7.63 11.86 -62.60
C ASN C 353 6.85 10.60 -62.91
N ILE C 354 6.22 10.00 -61.89
CA ILE C 354 5.42 8.79 -62.09
C ILE C 354 4.25 9.10 -63.02
N MET C 355 3.55 10.20 -62.77
CA MET C 355 2.40 10.61 -63.60
C MET C 355 2.83 10.90 -65.06
N ASP C 356 3.99 11.51 -65.24
CA ASP C 356 4.57 11.74 -66.58
C ASP C 356 4.88 10.40 -67.27
N SER C 357 5.52 9.49 -66.55
CA SER C 357 5.81 8.15 -67.05
C SER C 357 4.56 7.39 -67.53
N VAL C 358 3.47 7.51 -66.77
CA VAL C 358 2.18 6.91 -67.16
C VAL C 358 1.62 7.60 -68.41
N ASN C 359 1.70 8.93 -68.45
CA ASN C 359 1.23 9.71 -69.62
C ASN C 359 1.93 9.31 -70.92
N LEU C 360 3.26 9.23 -70.88
CA LEU C 360 4.06 8.88 -72.07
C LEU C 360 3.82 7.42 -72.45
N ALA C 361 3.80 6.52 -71.45
CA ALA C 361 3.47 5.10 -71.68
C ALA C 361 2.12 4.94 -72.40
N ALA C 362 1.15 5.81 -72.08
CA ALA C 362 -0.16 5.81 -72.74
C ALA C 362 -0.09 6.12 -74.24
N GLU C 363 0.85 6.98 -74.66
CA GLU C 363 1.11 7.23 -76.07
C GLU C 363 1.77 5.93 -76.58
N ASP C 364 1.08 5.22 -77.46
CA ASP C 364 1.13 3.73 -77.49
C ASP C 364 0.94 3.19 -76.07
N LEU C 378 -7.97 0.13 -82.03
CA LEU C 378 -9.41 0.27 -81.94
C LEU C 378 -9.81 1.66 -81.44
N PRO C 379 -11.09 2.07 -81.65
CA PRO C 379 -11.59 3.34 -81.10
C PRO C 379 -11.88 3.34 -79.59
N LYS C 380 -12.47 2.25 -79.08
CA LYS C 380 -12.70 2.06 -77.64
C LYS C 380 -11.38 2.00 -76.86
N GLU C 381 -10.40 1.31 -77.44
CA GLU C 381 -9.10 1.09 -76.82
C GLU C 381 -8.28 2.39 -76.74
N ILE C 382 -8.28 3.18 -77.81
CA ILE C 382 -7.62 4.49 -77.80
C ILE C 382 -8.34 5.47 -76.88
N ASP C 383 -9.67 5.37 -76.79
CA ASP C 383 -10.45 6.26 -75.90
C ASP C 383 -10.11 5.99 -74.43
N GLN C 384 -10.05 4.70 -74.08
CA GLN C 384 -9.56 4.26 -72.75
C GLN C 384 -8.16 4.80 -72.45
N LEU C 385 -7.28 4.69 -73.44
CA LEU C 385 -5.88 5.10 -73.28
C LEU C 385 -5.73 6.62 -73.04
N GLU C 386 -6.51 7.44 -73.75
CA GLU C 386 -6.48 8.89 -73.54
C GLU C 386 -7.13 9.31 -72.21
N LYS C 387 -8.05 8.50 -71.69
CA LYS C 387 -8.60 8.73 -70.34
C LYS C 387 -7.54 8.58 -69.26
N ILE C 388 -6.60 7.64 -69.44
CA ILE C 388 -5.44 7.50 -68.52
C ILE C 388 -4.55 8.75 -68.63
N GLN C 389 -4.34 9.24 -69.87
CA GLN C 389 -3.57 10.45 -70.14
C GLN C 389 -4.13 11.68 -69.43
N ASN C 390 -5.44 11.87 -69.53
CA ASN C 390 -6.13 13.01 -68.91
C ASN C 390 -6.06 12.94 -67.39
N ASN C 391 -6.32 11.75 -66.85
CA ASN C 391 -6.18 11.51 -65.40
C ASN C 391 -4.77 11.81 -64.90
N SER C 392 -3.76 11.30 -65.61
CA SER C 392 -2.38 11.51 -65.21
C SER C 392 -1.96 12.98 -65.23
N LYS C 393 -2.41 13.71 -66.25
CA LYS C 393 -2.16 15.16 -66.35
C LYS C 393 -2.85 15.96 -65.25
N LEU C 394 -4.08 15.61 -64.93
CA LEU C 394 -4.85 16.35 -63.89
C LEU C 394 -4.26 16.12 -62.50
N LEU C 395 -3.85 14.86 -62.22
CA LEU C 395 -3.10 14.55 -61.01
C LEU C 395 -1.78 15.34 -60.94
N ARG C 396 -1.05 15.35 -62.04
CA ARG C 396 0.20 16.11 -62.14
C ARG C 396 0.02 17.57 -61.72
N ASN C 397 -1.02 18.23 -62.22
CA ASN C 397 -1.22 19.66 -61.92
C ASN C 397 -1.70 19.91 -60.49
N LYS C 398 -2.41 18.94 -59.90
CA LYS C 398 -2.70 19.00 -58.47
C LYS C 398 -1.39 18.97 -57.68
N ALA C 399 -0.46 18.11 -58.11
CA ALA C 399 0.87 18.03 -57.50
C ALA C 399 1.63 19.36 -57.58
N VAL C 400 1.51 20.06 -58.70
CA VAL C 400 2.17 21.36 -58.85
C VAL C 400 1.51 22.43 -57.98
N GLN C 401 0.19 22.34 -57.81
CA GLN C 401 -0.52 23.25 -56.90
C GLN C 401 0.03 23.10 -55.48
N LEU C 402 0.13 21.85 -55.04
CA LEU C 402 0.65 21.53 -53.71
C LEU C 402 2.12 21.94 -53.53
N GLU C 403 2.92 21.79 -54.58
CA GLU C 403 4.31 22.27 -54.58
C GLU C 403 4.38 23.78 -54.31
N ASN C 404 3.47 24.53 -54.92
CA ASN C 404 3.39 25.97 -54.72
C ASN C 404 2.95 26.34 -53.30
N GLU C 405 1.94 25.64 -52.79
CA GLU C 405 1.48 25.85 -51.41
C GLU C 405 2.58 25.57 -50.39
N LEU C 406 3.36 24.51 -50.62
CA LEU C 406 4.53 24.20 -49.79
C LEU C 406 5.62 25.27 -49.92
N GLU C 407 5.85 25.75 -51.13
CA GLU C 407 6.82 26.83 -51.36
C GLU C 407 6.39 28.14 -50.64
N ASN C 408 5.09 28.43 -50.67
CA ASN C 408 4.54 29.58 -49.93
C ASN C 408 4.75 29.42 -48.43
N PHE C 409 4.42 28.24 -47.91
CA PHE C 409 4.65 27.92 -46.49
C PHE C 409 6.12 28.15 -46.11
N THR C 410 7.04 27.64 -46.94
CA THR C 410 8.46 27.80 -46.69
C THR C 410 8.90 29.26 -46.68
N LYS C 411 8.34 30.07 -47.58
CA LYS C 411 8.61 31.52 -47.61
C LYS C 411 8.14 32.18 -46.32
N GLN C 412 6.84 32.05 -46.03
CA GLN C 412 6.21 32.72 -44.90
C GLN C 412 6.68 32.24 -43.51
N PHE C 413 7.11 30.97 -43.39
CA PHE C 413 7.44 30.39 -42.08
C PHE C 413 8.89 29.91 -41.86
N LEU C 414 9.75 29.98 -42.89
CA LEU C 414 11.11 29.45 -42.78
C LEU C 414 12.24 30.40 -43.30
N PRO C 415 13.46 30.25 -42.73
CA PRO C 415 14.43 31.37 -42.81
C PRO C 415 15.15 31.54 -44.16
N SER C 416 15.76 32.72 -44.37
CA SER C 416 16.71 32.98 -45.47
C SER C 416 18.11 33.22 -44.88
#